data_1R37
#
_entry.id   1R37
#
_cell.length_a   131.064
_cell.length_b   83.014
_cell.length_c   68.674
_cell.angle_alpha   90.00
_cell.angle_beta   96.46
_cell.angle_gamma   90.00
#
_symmetry.space_group_name_H-M   'C 1 2 1'
#
loop_
_entity.id
_entity.type
_entity.pdbx_description
1 polymer 'NAD-dependent alcohol dehydrogenase'
2 non-polymer 'ZINC ION'
3 non-polymer NICOTINAMIDE-ADENINE-DINUCLEOTIDE
4 non-polymer 2-ETHOXYETHANOL
5 water water
#
_entity_poly.entity_id   1
_entity_poly.type   'polypeptide(L)'
_entity_poly.pdbx_seq_one_letter_code
;MRAVRLVEIGKPLSLQEIGVPKPKGPQVLIKVEAAGVCHSDVHMRQGRFGNLRIVEDLGVKLPVTLGHEIAGKIEEVGDE
VVGYSKGDLVAVNPWQGEGNCYYCRIGEEHLCDSPRWLGINFDGAYAEYVIVPHYKYMYKLRRLNAVEAAPLTCSGITTY
RAVRKASLDPTKTLLVVGAGGGLGTMAVQIAKAVSGATIIGVDVREEAVEAAKRAGADYVINASMQDPLAEIRRITESKG
VDAVIDLNNSEKTLSVYPKALAKQGKYVMVGLFGADLHYHAPLITLSEIQFVGSLVGNQSDFLGIMRLAEAGKVKPMITK
TMKLEEANEAIDNLENFKAIGRQVLIP
;
_entity_poly.pdbx_strand_id   A,B
#
loop_
_chem_comp.id
_chem_comp.type
_chem_comp.name
_chem_comp.formula
ETX non-polymer 2-ETHOXYETHANOL 'C4 H10 O2'
NAD non-polymer NICOTINAMIDE-ADENINE-DINUCLEOTIDE 'C21 H27 N7 O14 P2'
ZN non-polymer 'ZINC ION' 'Zn 2'
#
# COMPACT_ATOMS: atom_id res chain seq x y z
N MET A 1 -15.06 38.00 19.88
CA MET A 1 -15.04 36.68 20.59
C MET A 1 -13.61 36.30 20.95
N ARG A 2 -13.48 35.43 21.94
CA ARG A 2 -12.17 34.95 22.37
C ARG A 2 -11.75 33.78 21.47
N ALA A 3 -10.45 33.70 21.18
CA ALA A 3 -9.93 32.64 20.33
C ALA A 3 -8.50 32.31 20.71
N VAL A 4 -8.16 31.02 20.66
CA VAL A 4 -6.80 30.59 20.96
C VAL A 4 -6.18 30.30 19.60
N ARG A 5 -5.21 31.11 19.22
CA ARG A 5 -4.63 30.96 17.89
C ARG A 5 -3.13 30.75 17.85
N LEU A 6 -2.68 30.15 16.75
CA LEU A 6 -1.26 29.94 16.51
C LEU A 6 -0.81 31.26 15.87
N VAL A 7 -0.08 32.06 16.63
CA VAL A 7 0.38 33.35 16.15
C VAL A 7 1.83 33.28 15.71
N GLU A 8 2.64 32.51 16.45
CA GLU A 8 4.05 32.36 16.10
C GLU A 8 4.55 30.94 16.35
N ILE A 9 5.27 30.40 15.38
CA ILE A 9 5.81 29.04 15.47
C ILE A 9 6.79 28.88 16.62
N GLY A 10 6.59 27.84 17.42
CA GLY A 10 7.48 27.56 18.54
C GLY A 10 7.14 28.33 19.81
N LYS A 11 6.03 29.05 19.78
CA LYS A 11 5.58 29.83 20.93
C LYS A 11 4.23 29.30 21.40
N PRO A 12 3.85 29.61 22.64
CA PRO A 12 2.56 29.15 23.15
C PRO A 12 1.43 29.77 22.32
N LEU A 13 0.33 29.05 22.16
CA LEU A 13 -0.80 29.60 21.41
C LEU A 13 -1.21 30.89 22.10
N SER A 14 -1.81 31.81 21.35
CA SER A 14 -2.20 33.10 21.90
C SER A 14 -3.70 33.33 22.02
N LEU A 15 -4.14 33.71 23.20
CA LEU A 15 -5.56 33.99 23.44
C LEU A 15 -5.85 35.41 22.95
N GLN A 16 -6.59 35.52 21.85
CA GLN A 16 -6.92 36.82 21.28
C GLN A 16 -8.41 37.13 21.25
N GLU A 17 -8.71 38.40 21.03
CA GLU A 17 -10.09 38.88 20.93
C GLU A 17 -10.26 39.28 19.48
N ILE A 18 -11.12 38.58 18.75
CA ILE A 18 -11.34 38.89 17.35
C ILE A 18 -12.82 38.95 16.97
N GLY A 19 -13.10 39.50 15.80
CA GLY A 19 -14.48 39.62 15.36
C GLY A 19 -15.15 38.30 15.01
N VAL A 20 -16.47 38.28 15.18
CA VAL A 20 -17.26 37.10 14.87
C VAL A 20 -17.63 37.19 13.40
N PRO A 21 -17.23 36.19 12.60
CA PRO A 21 -17.54 36.17 11.17
C PRO A 21 -19.03 36.07 10.86
N LYS A 22 -19.42 36.58 9.70
CA LYS A 22 -20.81 36.56 9.24
C LYS A 22 -20.94 35.49 8.16
N PRO A 23 -21.76 34.46 8.42
CA PRO A 23 -21.96 33.37 7.46
C PRO A 23 -22.74 33.82 6.22
N LYS A 24 -22.23 33.49 5.05
CA LYS A 24 -22.90 33.83 3.80
C LYS A 24 -22.90 32.62 2.88
N GLY A 25 -23.86 32.59 1.96
CA GLY A 25 -23.95 31.48 1.04
C GLY A 25 -24.25 30.17 1.76
N PRO A 26 -23.41 29.15 1.59
CA PRO A 26 -23.61 27.84 2.23
C PRO A 26 -22.92 27.73 3.58
N GLN A 27 -22.31 28.83 4.03
CA GLN A 27 -21.59 28.79 5.30
C GLN A 27 -22.54 28.73 6.48
N VAL A 28 -22.00 28.31 7.62
CA VAL A 28 -22.78 28.20 8.84
C VAL A 28 -21.94 28.67 10.01
N LEU A 29 -22.52 29.50 10.87
CA LEU A 29 -21.82 29.95 12.07
C LEU A 29 -22.25 29.06 13.22
N ILE A 30 -21.27 28.38 13.81
CA ILE A 30 -21.50 27.44 14.90
C ILE A 30 -21.00 27.98 16.22
N LYS A 31 -21.83 27.87 17.26
CA LYS A 31 -21.43 28.24 18.60
C LYS A 31 -20.77 26.98 19.16
N VAL A 32 -19.47 27.03 19.38
CA VAL A 32 -18.72 25.87 19.85
C VAL A 32 -19.13 25.39 21.24
N GLU A 33 -19.49 24.11 21.33
CA GLU A 33 -19.88 23.53 22.60
C GLU A 33 -18.81 22.54 23.05
N ALA A 34 -17.92 22.17 22.15
CA ALA A 34 -16.82 21.25 22.45
C ALA A 34 -15.77 21.27 21.36
N ALA A 35 -14.50 21.26 21.78
CA ALA A 35 -13.38 21.28 20.86
C ALA A 35 -12.32 20.29 21.32
N GLY A 36 -12.21 19.17 20.61
CA GLY A 36 -11.23 18.17 20.97
C GLY A 36 -9.82 18.66 20.74
N VAL A 37 -8.88 18.17 21.55
CA VAL A 37 -7.48 18.54 21.42
C VAL A 37 -6.73 17.35 20.82
N CYS A 38 -6.14 17.56 19.66
CA CYS A 38 -5.45 16.51 18.93
C CYS A 38 -3.93 16.68 19.00
N HIS A 39 -3.19 15.57 18.98
CA HIS A 39 -1.74 15.65 19.05
C HIS A 39 -1.20 16.38 17.81
N SER A 40 -2.04 16.55 16.78
CA SER A 40 -1.64 17.31 15.59
C SER A 40 -1.40 18.77 15.94
N ASP A 41 -2.08 19.27 16.97
CA ASP A 41 -1.90 20.65 17.40
C ASP A 41 -0.54 20.85 18.07
N VAL A 42 0.09 19.75 18.48
CA VAL A 42 1.44 19.83 19.05
C VAL A 42 2.40 20.12 17.90
N HIS A 43 2.13 19.49 16.75
CA HIS A 43 2.97 19.68 15.56
C HIS A 43 2.72 21.05 14.97
N MET A 44 1.45 21.48 14.98
CA MET A 44 1.09 22.80 14.47
C MET A 44 1.84 23.87 15.27
N ARG A 45 1.80 23.75 16.58
CA ARG A 45 2.47 24.73 17.44
C ARG A 45 3.98 24.72 17.20
N GLN A 46 4.51 23.55 16.81
CA GLN A 46 5.94 23.42 16.51
C GLN A 46 6.20 23.88 15.08
N GLY A 47 5.13 24.10 14.33
CA GLY A 47 5.27 24.59 12.97
C GLY A 47 5.54 23.56 11.89
N ARG A 48 5.40 22.28 12.20
CA ARG A 48 5.68 21.27 11.20
C ARG A 48 5.28 19.84 11.56
N PHE A 49 5.17 19.02 10.51
CA PHE A 49 4.89 17.60 10.61
C PHE A 49 6.11 16.98 9.95
N GLY A 50 7.02 16.45 10.75
CA GLY A 50 8.25 15.93 10.20
C GLY A 50 9.03 17.12 9.68
N ASN A 51 9.51 17.05 8.44
CA ASN A 51 10.23 18.17 7.85
C ASN A 51 9.34 18.95 6.89
N LEU A 52 8.04 18.81 7.07
CA LEU A 52 7.06 19.53 6.25
C LEU A 52 6.53 20.74 7.02
N ARG A 53 7.14 21.89 6.76
CA ARG A 53 6.77 23.13 7.42
C ARG A 53 5.37 23.54 7.02
N ILE A 54 4.53 23.79 8.01
CA ILE A 54 3.14 24.14 7.73
C ILE A 54 3.03 25.47 6.97
N VAL A 55 4.01 26.35 7.15
CA VAL A 55 3.97 27.63 6.45
C VAL A 55 4.55 27.52 5.04
N GLU A 56 5.85 27.27 4.93
CA GLU A 56 6.50 27.19 3.63
C GLU A 56 6.09 26.01 2.76
N ASP A 57 5.85 24.86 3.39
CA ASP A 57 5.49 23.66 2.62
C ASP A 57 4.00 23.39 2.44
N LEU A 58 3.17 23.78 3.41
CA LEU A 58 1.74 23.52 3.30
C LEU A 58 0.88 24.74 3.00
N GLY A 59 1.47 25.92 3.06
CA GLY A 59 0.72 27.13 2.76
C GLY A 59 -0.11 27.73 3.88
N VAL A 60 0.10 27.29 5.12
CA VAL A 60 -0.65 27.83 6.24
C VAL A 60 -0.24 29.28 6.49
N LYS A 61 -1.23 30.16 6.58
CA LYS A 61 -0.98 31.57 6.84
C LYS A 61 -1.33 31.92 8.28
N LEU A 62 -0.34 32.40 9.03
CA LEU A 62 -0.56 32.79 10.42
C LEU A 62 -1.10 34.22 10.47
N PRO A 63 -1.90 34.55 11.49
CA PRO A 63 -2.37 33.69 12.59
C PRO A 63 -3.56 32.83 12.19
N VAL A 64 -3.73 31.71 12.88
CA VAL A 64 -4.85 30.82 12.60
C VAL A 64 -5.35 30.20 13.89
N THR A 65 -6.67 30.17 14.07
CA THR A 65 -7.25 29.57 15.24
C THR A 65 -7.18 28.06 15.04
N LEU A 66 -6.69 27.34 16.05
CA LEU A 66 -6.58 25.89 15.98
C LEU A 66 -7.88 25.21 16.41
N GLY A 67 -7.90 23.89 16.36
CA GLY A 67 -9.08 23.15 16.79
C GLY A 67 -9.89 22.56 15.66
N HIS A 68 -9.66 21.28 15.37
CA HIS A 68 -10.35 20.61 14.28
C HIS A 68 -11.25 19.45 14.68
N GLU A 69 -11.50 19.29 15.99
CA GLU A 69 -12.46 18.28 16.45
C GLU A 69 -13.59 19.19 16.89
N ILE A 70 -14.62 19.28 16.06
CA ILE A 70 -15.69 20.26 16.22
C ILE A 70 -17.11 19.75 16.43
N ALA A 71 -17.78 20.33 17.43
CA ALA A 71 -19.17 20.05 17.76
C ALA A 71 -19.77 21.32 18.33
N GLY A 72 -20.98 21.67 17.90
CA GLY A 72 -21.60 22.88 18.39
C GLY A 72 -23.05 23.12 18.03
N LYS A 73 -23.49 24.33 18.35
CA LYS A 73 -24.87 24.75 18.14
C LYS A 73 -24.94 25.75 16.99
N ILE A 74 -25.90 25.54 16.09
CA ILE A 74 -26.04 26.46 14.97
C ILE A 74 -26.52 27.84 15.44
N GLU A 75 -25.70 28.84 15.17
CA GLU A 75 -25.98 30.21 15.56
C GLU A 75 -26.64 30.96 14.40
N GLU A 76 -26.01 30.93 13.24
CA GLU A 76 -26.55 31.59 12.05
C GLU A 76 -26.11 30.88 10.77
N VAL A 77 -26.98 30.86 9.77
CA VAL A 77 -26.68 30.22 8.51
C VAL A 77 -26.72 31.20 7.35
N GLY A 78 -26.06 30.85 6.24
CA GLY A 78 -26.07 31.70 5.06
C GLY A 78 -27.37 31.53 4.31
N ASP A 79 -27.54 32.28 3.23
CA ASP A 79 -28.75 32.23 2.43
C ASP A 79 -29.02 30.93 1.69
N GLU A 80 -27.97 30.14 1.44
CA GLU A 80 -28.11 28.87 0.73
C GLU A 80 -28.34 27.66 1.62
N VAL A 81 -28.08 27.80 2.91
CA VAL A 81 -28.22 26.69 3.85
C VAL A 81 -29.65 26.18 3.93
N VAL A 82 -29.79 24.86 3.82
CA VAL A 82 -31.10 24.23 3.86
C VAL A 82 -31.13 23.02 4.79
N GLY A 83 -32.05 23.04 5.76
CA GLY A 83 -32.21 21.91 6.66
C GLY A 83 -31.75 22.09 8.10
N TYR A 84 -31.51 23.32 8.53
CA TYR A 84 -31.07 23.55 9.91
C TYR A 84 -31.74 24.75 10.59
N SER A 85 -31.90 24.64 11.91
CA SER A 85 -32.52 25.70 12.70
C SER A 85 -31.55 26.12 13.80
N LYS A 86 -31.73 27.34 14.30
CA LYS A 86 -30.87 27.85 15.37
C LYS A 86 -31.01 26.93 16.59
N GLY A 87 -29.88 26.56 17.16
CA GLY A 87 -29.91 25.69 18.33
C GLY A 87 -29.56 24.24 18.02
N ASP A 88 -29.79 23.81 16.77
CA ASP A 88 -29.47 22.44 16.41
C ASP A 88 -28.03 22.11 16.74
N LEU A 89 -27.84 20.97 17.40
CA LEU A 89 -26.53 20.51 17.79
C LEU A 89 -25.96 19.68 16.65
N VAL A 90 -24.75 19.99 16.21
CA VAL A 90 -24.14 19.27 15.11
C VAL A 90 -22.66 19.00 15.34
N ALA A 91 -22.16 17.99 14.64
CA ALA A 91 -20.74 17.68 14.65
C ALA A 91 -20.33 18.26 13.29
N VAL A 92 -19.09 18.71 13.16
CA VAL A 92 -18.63 19.30 11.91
C VAL A 92 -17.40 18.62 11.33
N ASN A 93 -17.52 18.17 10.09
CA ASN A 93 -16.40 17.56 9.38
C ASN A 93 -15.59 18.75 8.88
N PRO A 94 -14.40 18.95 9.45
CA PRO A 94 -13.51 20.06 9.11
C PRO A 94 -12.61 19.88 7.87
N TRP A 95 -12.68 18.70 7.25
CA TRP A 95 -11.83 18.40 6.09
C TRP A 95 -12.64 18.64 4.83
N GLN A 96 -12.81 19.91 4.50
CA GLN A 96 -13.67 20.29 3.40
C GLN A 96 -13.03 20.59 2.05
N GLY A 97 -13.73 20.18 1.00
CA GLY A 97 -13.26 20.41 -0.35
C GLY A 97 -14.24 21.32 -1.08
N GLU A 98 -13.77 21.96 -2.15
CA GLU A 98 -14.59 22.88 -2.92
C GLU A 98 -15.60 22.21 -3.85
N GLY A 99 -15.44 20.92 -4.11
CA GLY A 99 -16.40 20.18 -4.92
C GLY A 99 -16.23 20.01 -6.42
N ASN A 100 -15.24 20.66 -7.02
CA ASN A 100 -15.04 20.58 -8.47
C ASN A 100 -13.78 19.86 -8.96
N CYS A 101 -12.75 19.81 -8.13
CA CYS A 101 -11.50 19.15 -8.53
C CYS A 101 -11.69 17.64 -8.63
N TYR A 102 -10.69 16.99 -9.23
CA TYR A 102 -10.67 15.54 -9.42
C TYR A 102 -11.01 14.77 -8.14
N TYR A 103 -10.32 15.09 -7.06
CA TYR A 103 -10.52 14.37 -5.80
C TYR A 103 -11.90 14.57 -5.21
N CYS A 104 -12.45 15.77 -5.34
CA CYS A 104 -13.79 16.02 -4.85
C CYS A 104 -14.82 15.23 -5.64
N ARG A 105 -14.61 15.12 -6.95
CA ARG A 105 -15.53 14.40 -7.82
C ARG A 105 -15.57 12.89 -7.59
N ILE A 106 -14.47 12.31 -7.14
CA ILE A 106 -14.45 10.87 -6.89
C ILE A 106 -14.70 10.55 -5.42
N GLY A 107 -15.27 11.50 -4.69
CA GLY A 107 -15.60 11.26 -3.29
C GLY A 107 -14.43 11.21 -2.32
N GLU A 108 -13.41 12.02 -2.57
CA GLU A 108 -12.24 12.10 -1.70
C GLU A 108 -12.01 13.57 -1.32
N GLU A 109 -13.07 14.19 -0.82
CA GLU A 109 -13.09 15.60 -0.44
C GLU A 109 -11.89 16.10 0.37
N HIS A 110 -11.37 15.26 1.26
CA HIS A 110 -10.27 15.69 2.11
C HIS A 110 -8.97 15.86 1.32
N LEU A 111 -8.91 15.29 0.12
CA LEU A 111 -7.73 15.39 -0.73
C LEU A 111 -7.94 16.43 -1.84
N CYS A 112 -8.82 17.37 -1.57
CA CYS A 112 -9.14 18.45 -2.50
C CYS A 112 -7.89 19.25 -2.85
N ASP A 113 -7.82 19.73 -4.10
CA ASP A 113 -6.68 20.54 -4.53
C ASP A 113 -6.67 21.92 -3.85
N SER A 114 -7.85 22.37 -3.42
CA SER A 114 -7.98 23.65 -2.72
C SER A 114 -8.69 23.38 -1.41
N PRO A 115 -8.05 22.63 -0.51
CA PRO A 115 -8.61 22.26 0.78
C PRO A 115 -8.91 23.40 1.75
N ARG A 116 -10.02 23.23 2.48
CA ARG A 116 -10.40 24.17 3.52
C ARG A 116 -10.48 23.31 4.77
N TRP A 117 -9.37 23.26 5.52
CA TRP A 117 -9.29 22.45 6.72
C TRP A 117 -9.39 23.32 7.96
N LEU A 118 -10.58 23.32 8.57
CA LEU A 118 -10.79 24.08 9.79
C LEU A 118 -9.79 23.65 10.82
N GLY A 119 -9.08 24.60 11.42
CA GLY A 119 -8.10 24.28 12.43
C GLY A 119 -6.70 24.07 11.90
N ILE A 120 -6.55 24.03 10.58
CA ILE A 120 -5.23 23.85 9.99
C ILE A 120 -4.85 25.05 9.12
N ASN A 121 -5.60 25.29 8.05
CA ASN A 121 -5.31 26.42 7.19
C ASN A 121 -6.48 27.40 7.16
N PHE A 122 -7.50 27.11 7.97
CA PHE A 122 -8.66 27.95 8.15
C PHE A 122 -8.96 27.95 9.65
N ASP A 123 -9.61 29.00 10.15
CA ASP A 123 -9.90 29.10 11.59
C ASP A 123 -10.71 27.92 12.14
N GLY A 124 -10.34 27.45 13.33
CA GLY A 124 -11.00 26.31 13.94
C GLY A 124 -11.88 26.56 15.15
N ALA A 125 -12.10 25.49 15.92
CA ALA A 125 -13.00 25.51 17.08
C ALA A 125 -12.44 26.00 18.41
N TYR A 126 -11.15 26.33 18.49
CA TYR A 126 -10.63 26.86 19.76
C TYR A 126 -11.09 28.29 19.91
N ALA A 127 -12.41 28.49 19.88
CA ALA A 127 -12.99 29.82 20.00
C ALA A 127 -14.48 29.72 20.36
N GLU A 128 -15.11 30.87 20.59
CA GLU A 128 -16.52 30.91 20.94
C GLU A 128 -17.38 30.47 19.76
N TYR A 129 -17.01 30.92 18.57
CA TYR A 129 -17.73 30.57 17.35
C TYR A 129 -16.74 30.13 16.28
N VAL A 130 -17.25 29.39 15.30
CA VAL A 130 -16.43 28.92 14.19
C VAL A 130 -17.28 28.89 12.93
N ILE A 131 -16.68 29.31 11.81
CA ILE A 131 -17.37 29.31 10.54
C ILE A 131 -17.17 27.99 9.81
N VAL A 132 -18.28 27.43 9.34
CA VAL A 132 -18.26 26.19 8.57
C VAL A 132 -18.41 26.60 7.11
N PRO A 133 -17.36 26.39 6.30
CA PRO A 133 -17.39 26.75 4.87
C PRO A 133 -18.61 26.24 4.10
N HIS A 134 -19.03 25.01 4.36
CA HIS A 134 -20.20 24.45 3.68
C HIS A 134 -21.03 23.56 4.61
N TYR A 135 -22.33 23.83 4.66
CA TYR A 135 -23.23 23.12 5.54
C TYR A 135 -23.38 21.61 5.31
N LYS A 136 -23.05 21.15 4.11
CA LYS A 136 -23.19 19.72 3.81
C LYS A 136 -22.18 18.88 4.60
N TYR A 137 -21.22 19.54 5.24
CA TYR A 137 -20.21 18.84 6.02
C TYR A 137 -20.60 18.71 7.49
N MET A 138 -21.86 18.95 7.80
CA MET A 138 -22.33 18.85 9.18
C MET A 138 -23.19 17.62 9.42
N TYR A 139 -23.29 17.21 10.67
CA TYR A 139 -24.09 16.04 11.05
C TYR A 139 -24.93 16.39 12.28
N LYS A 140 -26.24 16.31 12.13
CA LYS A 140 -27.18 16.61 13.23
C LYS A 140 -27.09 15.54 14.29
N LEU A 141 -26.72 15.91 15.51
CA LEU A 141 -26.62 14.94 16.58
C LEU A 141 -28.01 14.56 17.08
N ARG A 142 -28.19 13.28 17.33
CA ARG A 142 -29.49 12.78 17.78
C ARG A 142 -29.40 12.20 19.19
N ARG A 143 -28.29 11.52 19.47
CA ARG A 143 -28.09 10.88 20.78
C ARG A 143 -26.84 11.39 21.50
N LEU A 144 -25.80 11.69 20.74
CA LEU A 144 -24.56 12.17 21.32
C LEU A 144 -24.63 13.62 21.78
N ASN A 145 -23.92 13.93 22.87
CA ASN A 145 -23.83 15.30 23.32
C ASN A 145 -22.59 15.85 22.61
N ALA A 146 -22.36 17.15 22.72
CA ALA A 146 -21.24 17.81 22.04
C ALA A 146 -19.86 17.30 22.43
N VAL A 147 -19.64 17.08 23.72
CA VAL A 147 -18.34 16.62 24.18
C VAL A 147 -17.97 15.24 23.60
N GLU A 148 -18.94 14.35 23.50
CA GLU A 148 -18.72 13.01 22.99
C GLU A 148 -18.53 13.04 21.47
N ALA A 149 -19.20 13.99 20.84
CA ALA A 149 -19.19 14.10 19.39
C ALA A 149 -17.92 14.71 18.78
N ALA A 150 -17.44 15.78 19.39
CA ALA A 150 -16.30 16.52 18.85
C ALA A 150 -15.13 15.67 18.39
N PRO A 151 -14.64 14.73 19.23
CA PRO A 151 -13.51 13.87 18.88
C PRO A 151 -13.72 13.03 17.62
N LEU A 152 -14.98 12.78 17.25
CA LEU A 152 -15.28 11.98 16.07
C LEU A 152 -14.92 12.69 14.76
N THR A 153 -14.78 14.01 14.81
CA THR A 153 -14.47 14.79 13.61
C THR A 153 -13.01 14.75 13.22
N CYS A 154 -12.22 14.00 13.97
CA CYS A 154 -10.83 13.79 13.61
C CYS A 154 -10.37 12.40 14.02
N SER A 155 -10.21 12.18 15.32
CA SER A 155 -9.75 10.88 15.81
C SER A 155 -10.68 9.75 15.37
N GLY A 156 -11.99 10.03 15.32
CA GLY A 156 -12.94 9.02 14.89
C GLY A 156 -12.88 8.75 13.40
N ILE A 157 -13.08 9.80 12.60
CA ILE A 157 -13.10 9.66 11.14
C ILE A 157 -11.77 9.15 10.59
N THR A 158 -10.66 9.58 11.18
CA THR A 158 -9.34 9.15 10.75
C THR A 158 -9.14 7.66 11.00
N THR A 159 -9.47 7.21 12.20
CA THR A 159 -9.25 5.79 12.51
C THR A 159 -10.31 4.90 11.88
N TYR A 160 -11.46 5.47 11.53
CA TYR A 160 -12.50 4.72 10.85
C TYR A 160 -11.95 4.40 9.45
N ARG A 161 -11.42 5.41 8.78
CA ARG A 161 -10.84 5.24 7.44
C ARG A 161 -9.63 4.29 7.50
N ALA A 162 -8.79 4.46 8.52
CA ALA A 162 -7.61 3.61 8.68
C ALA A 162 -7.98 2.14 8.91
N VAL A 163 -9.01 1.89 9.71
CA VAL A 163 -9.45 0.51 9.96
C VAL A 163 -10.04 -0.12 8.69
N ARG A 164 -10.65 0.70 7.85
CA ARG A 164 -11.20 0.21 6.60
C ARG A 164 -10.06 -0.13 5.62
N LYS A 165 -9.03 0.72 5.58
CA LYS A 165 -7.91 0.48 4.68
C LYS A 165 -7.09 -0.74 5.12
N ALA A 166 -7.20 -1.11 6.39
CA ALA A 166 -6.48 -2.28 6.92
C ALA A 166 -7.09 -3.59 6.41
N SER A 167 -8.21 -3.50 5.69
CA SER A 167 -8.88 -4.67 5.12
C SER A 167 -8.97 -5.81 6.14
N LEU A 168 -9.63 -5.57 7.26
CA LEU A 168 -9.75 -6.57 8.30
C LEU A 168 -10.94 -7.50 8.12
N ASP A 169 -10.81 -8.71 8.64
CA ASP A 169 -11.87 -9.71 8.66
C ASP A 169 -11.57 -10.63 9.85
N PRO A 170 -12.56 -11.45 10.26
CA PRO A 170 -12.44 -12.38 11.40
C PRO A 170 -11.21 -13.26 11.47
N THR A 171 -10.59 -13.52 10.32
CA THR A 171 -9.41 -14.38 10.30
C THR A 171 -8.13 -13.60 10.49
N LYS A 172 -8.24 -12.28 10.62
CA LYS A 172 -7.06 -11.45 10.74
C LYS A 172 -6.77 -10.86 12.12
N THR A 173 -5.54 -10.42 12.29
CA THR A 173 -5.12 -9.78 13.53
C THR A 173 -4.63 -8.38 13.23
N LEU A 174 -5.09 -7.43 14.02
CA LEU A 174 -4.70 -6.04 13.87
C LEU A 174 -3.80 -5.62 15.03
N LEU A 175 -2.77 -4.84 14.74
CA LEU A 175 -1.91 -4.30 15.78
C LEU A 175 -2.08 -2.78 15.77
N VAL A 176 -2.43 -2.20 16.92
CA VAL A 176 -2.56 -0.75 17.01
C VAL A 176 -1.38 -0.24 17.82
N VAL A 177 -0.55 0.60 17.19
CA VAL A 177 0.64 1.14 17.84
C VAL A 177 0.32 2.51 18.43
N GLY A 178 0.43 2.62 19.75
CA GLY A 178 0.11 3.87 20.41
C GLY A 178 -1.37 3.80 20.73
N ALA A 179 -1.80 2.59 21.09
CA ALA A 179 -3.19 2.27 21.36
C ALA A 179 -3.84 2.91 22.58
N GLY A 180 -3.05 3.57 23.41
CA GLY A 180 -3.62 4.18 24.60
C GLY A 180 -3.94 5.65 24.44
N GLY A 181 -3.64 6.22 23.28
CA GLY A 181 -3.87 7.64 23.04
C GLY A 181 -5.22 8.01 22.46
N GLY A 182 -5.34 9.23 21.96
CA GLY A 182 -6.59 9.69 21.39
C GLY A 182 -7.09 8.84 20.23
N LEU A 183 -6.24 8.66 19.22
CA LEU A 183 -6.63 7.85 18.07
C LEU A 183 -6.54 6.37 18.39
N GLY A 184 -5.54 6.01 19.19
CA GLY A 184 -5.34 4.62 19.56
C GLY A 184 -6.58 3.99 20.19
N THR A 185 -7.17 4.67 21.17
CA THR A 185 -8.35 4.17 21.85
C THR A 185 -9.52 4.11 20.88
N MET A 186 -9.51 4.97 19.87
CA MET A 186 -10.59 5.01 18.89
C MET A 186 -10.40 3.89 17.86
N ALA A 187 -9.17 3.69 17.40
CA ALA A 187 -8.88 2.64 16.42
C ALA A 187 -9.26 1.28 16.98
N VAL A 188 -8.91 1.05 18.24
CA VAL A 188 -9.21 -0.19 18.92
C VAL A 188 -10.72 -0.43 19.02
N GLN A 189 -11.47 0.62 19.29
CA GLN A 189 -12.91 0.54 19.43
C GLN A 189 -13.64 0.20 18.14
N ILE A 190 -13.27 0.91 17.08
CA ILE A 190 -13.89 0.70 15.78
C ILE A 190 -13.57 -0.71 15.26
N ALA A 191 -12.32 -1.15 15.45
CA ALA A 191 -11.92 -2.48 14.99
C ALA A 191 -12.66 -3.54 15.80
N LYS A 192 -13.01 -3.20 17.02
CA LYS A 192 -13.73 -4.14 17.87
C LYS A 192 -15.21 -4.15 17.46
N ALA A 193 -15.71 -2.99 17.09
CA ALA A 193 -17.11 -2.82 16.73
C ALA A 193 -17.51 -3.34 15.36
N VAL A 194 -16.61 -3.31 14.39
CA VAL A 194 -17.01 -3.74 13.04
C VAL A 194 -16.14 -4.69 12.22
N SER A 195 -15.00 -5.15 12.73
CA SER A 195 -14.20 -6.03 11.87
C SER A 195 -14.24 -7.52 12.24
N GLY A 196 -14.46 -7.82 13.52
CA GLY A 196 -14.47 -9.21 13.94
C GLY A 196 -13.04 -9.72 14.12
N ALA A 197 -12.07 -8.89 13.74
CA ALA A 197 -10.66 -9.25 13.84
C ALA A 197 -10.17 -9.26 15.29
N THR A 198 -9.09 -9.98 15.51
CA THR A 198 -8.46 -10.02 16.82
C THR A 198 -7.60 -8.77 16.91
N ILE A 199 -7.62 -8.10 18.06
CA ILE A 199 -6.90 -6.85 18.24
C ILE A 199 -5.78 -6.84 19.29
N ILE A 200 -4.61 -6.37 18.88
CA ILE A 200 -3.46 -6.24 19.78
C ILE A 200 -3.12 -4.75 19.86
N GLY A 201 -3.08 -4.23 21.08
CA GLY A 201 -2.73 -2.83 21.27
C GLY A 201 -1.37 -2.73 21.95
N VAL A 202 -0.51 -1.85 21.47
CA VAL A 202 0.80 -1.68 22.09
C VAL A 202 1.05 -0.22 22.44
N ASP A 203 1.57 0.03 23.63
CA ASP A 203 1.92 1.37 24.06
C ASP A 203 3.14 1.25 24.98
N VAL A 204 3.60 2.35 25.57
CA VAL A 204 4.79 2.30 26.40
C VAL A 204 4.63 2.94 27.77
N ARG A 205 3.39 3.16 28.18
CA ARG A 205 3.08 3.73 29.48
C ARG A 205 1.99 2.86 30.08
N GLU A 206 2.14 2.59 31.37
CA GLU A 206 1.22 1.76 32.14
C GLU A 206 -0.24 2.15 31.99
N GLU A 207 -0.53 3.44 32.07
CA GLU A 207 -1.90 3.95 31.96
C GLU A 207 -2.40 3.84 30.53
N ALA A 208 -1.51 4.00 29.57
CA ALA A 208 -1.90 3.94 28.17
C ALA A 208 -2.29 2.50 27.82
N VAL A 209 -1.48 1.55 28.27
CA VAL A 209 -1.77 0.14 28.02
C VAL A 209 -3.11 -0.22 28.65
N GLU A 210 -3.37 0.33 29.82
CA GLU A 210 -4.64 0.08 30.51
C GLU A 210 -5.79 0.70 29.73
N ALA A 211 -5.57 1.88 29.16
CA ALA A 211 -6.61 2.52 28.37
C ALA A 211 -6.94 1.67 27.15
N ALA A 212 -5.92 1.12 26.51
CA ALA A 212 -6.13 0.29 25.33
C ALA A 212 -6.90 -0.97 25.73
N LYS A 213 -6.63 -1.48 26.93
CA LYS A 213 -7.35 -2.64 27.42
C LYS A 213 -8.82 -2.28 27.58
N ARG A 214 -9.08 -1.10 28.13
CA ARG A 214 -10.45 -0.60 28.32
C ARG A 214 -11.16 -0.32 27.00
N ALA A 215 -10.38 0.02 25.97
CA ALA A 215 -10.95 0.31 24.66
C ALA A 215 -11.43 -0.96 23.98
N GLY A 216 -11.00 -2.12 24.48
CA GLY A 216 -11.45 -3.37 23.92
C GLY A 216 -10.40 -4.28 23.31
N ALA A 217 -9.13 -3.92 23.44
CA ALA A 217 -8.06 -4.74 22.88
C ALA A 217 -8.02 -6.13 23.52
N ASP A 218 -7.84 -7.16 22.69
CA ASP A 218 -7.80 -8.54 23.16
C ASP A 218 -6.46 -8.82 23.83
N TYR A 219 -5.43 -8.13 23.37
CA TYR A 219 -4.10 -8.27 23.94
C TYR A 219 -3.46 -6.89 23.97
N VAL A 220 -2.76 -6.60 25.05
CA VAL A 220 -2.06 -5.33 25.19
C VAL A 220 -0.61 -5.61 25.56
N ILE A 221 0.29 -4.81 25.02
CA ILE A 221 1.71 -4.97 25.27
C ILE A 221 2.32 -3.65 25.69
N ASN A 222 3.18 -3.68 26.70
CA ASN A 222 3.86 -2.46 27.12
C ASN A 222 5.28 -2.61 26.56
N ALA A 223 5.57 -1.91 25.48
CA ALA A 223 6.87 -2.02 24.83
C ALA A 223 8.04 -1.57 25.70
N SER A 224 7.73 -0.97 26.86
CA SER A 224 8.76 -0.54 27.79
C SER A 224 9.15 -1.69 28.72
N MET A 225 8.20 -2.60 28.94
CA MET A 225 8.40 -3.73 29.84
C MET A 225 8.85 -5.01 29.15
N GLN A 226 8.53 -5.15 27.87
CA GLN A 226 8.91 -6.37 27.16
C GLN A 226 9.09 -6.18 25.67
N ASP A 227 9.70 -7.18 25.04
CA ASP A 227 9.94 -7.18 23.60
C ASP A 227 8.60 -7.40 22.90
N PRO A 228 8.07 -6.36 22.22
CA PRO A 228 6.79 -6.49 21.53
C PRO A 228 6.79 -7.47 20.37
N LEU A 229 7.95 -7.65 19.73
CA LEU A 229 8.03 -8.57 18.60
C LEU A 229 7.92 -10.01 19.08
N ALA A 230 8.59 -10.33 20.19
CA ALA A 230 8.49 -11.69 20.73
C ALA A 230 7.05 -11.98 21.14
N GLU A 231 6.39 -11.01 21.77
CA GLU A 231 5.01 -11.19 22.20
C GLU A 231 4.03 -11.33 21.02
N ILE A 232 4.21 -10.50 20.00
CA ILE A 232 3.36 -10.53 18.82
C ILE A 232 3.57 -11.85 18.08
N ARG A 233 4.80 -12.35 18.12
CA ARG A 233 5.14 -13.60 17.46
C ARG A 233 4.40 -14.72 18.18
N ARG A 234 4.35 -14.62 19.51
CA ARG A 234 3.68 -15.61 20.34
C ARG A 234 2.17 -15.59 20.13
N ILE A 235 1.56 -14.41 20.18
CA ILE A 235 0.12 -14.27 20.01
C ILE A 235 -0.37 -14.74 18.64
N THR A 236 0.37 -14.41 17.59
CA THR A 236 -0.02 -14.79 16.24
C THR A 236 0.56 -16.13 15.80
N GLU A 237 1.19 -16.83 16.74
CA GLU A 237 1.81 -18.12 16.46
C GLU A 237 2.78 -18.06 15.29
N SER A 238 3.62 -17.02 15.27
CA SER A 238 4.62 -16.83 14.23
C SER A 238 4.09 -16.40 12.87
N LYS A 239 2.80 -16.15 12.76
CA LYS A 239 2.26 -15.70 11.48
C LYS A 239 2.49 -14.20 11.29
N GLY A 240 2.49 -13.46 12.39
CA GLY A 240 2.65 -12.02 12.32
C GLY A 240 1.27 -11.40 12.20
N VAL A 241 1.17 -10.07 12.18
CA VAL A 241 -0.13 -9.43 12.06
C VAL A 241 -0.48 -9.06 10.62
N ASP A 242 -1.76 -9.17 10.30
CA ASP A 242 -2.26 -8.88 8.96
C ASP A 242 -2.35 -7.39 8.71
N ALA A 243 -2.38 -6.62 9.78
CA ALA A 243 -2.45 -5.16 9.65
C ALA A 243 -1.91 -4.44 10.85
N VAL A 244 -1.29 -3.30 10.61
CA VAL A 244 -0.80 -2.45 11.68
C VAL A 244 -1.34 -1.05 11.42
N ILE A 245 -1.83 -0.40 12.46
CA ILE A 245 -2.24 0.99 12.34
C ILE A 245 -1.30 1.70 13.29
N ASP A 246 -0.31 2.37 12.72
CA ASP A 246 0.70 3.07 13.51
C ASP A 246 0.30 4.52 13.71
N LEU A 247 -0.02 4.87 14.95
CA LEU A 247 -0.43 6.23 15.26
C LEU A 247 0.77 7.06 15.78
N ASN A 248 1.97 6.66 15.37
CA ASN A 248 3.20 7.37 15.73
C ASN A 248 4.03 7.66 14.49
N ASN A 249 4.52 6.59 13.86
CA ASN A 249 5.39 6.67 12.69
C ASN A 249 6.67 7.43 13.03
N SER A 250 7.26 7.04 14.16
CA SER A 250 8.53 7.61 14.64
C SER A 250 9.60 6.60 14.28
N GLU A 251 10.86 6.97 14.47
CA GLU A 251 11.93 6.02 14.18
C GLU A 251 11.79 4.83 15.09
N LYS A 252 11.22 5.05 16.27
CA LYS A 252 11.02 3.99 17.26
C LYS A 252 10.00 2.96 16.81
N THR A 253 8.91 3.41 16.19
CA THR A 253 7.91 2.45 15.74
C THR A 253 8.23 1.87 14.36
N LEU A 254 8.65 2.72 13.44
CA LEU A 254 8.96 2.29 12.07
C LEU A 254 10.13 1.31 11.95
N SER A 255 11.02 1.31 12.94
CA SER A 255 12.18 0.42 12.90
C SER A 255 11.88 -0.87 13.65
N VAL A 256 10.62 -1.05 14.05
CA VAL A 256 10.22 -2.22 14.80
C VAL A 256 9.03 -2.99 14.23
N TYR A 257 7.87 -2.35 14.24
CA TYR A 257 6.66 -3.05 13.84
C TYR A 257 6.51 -3.59 12.42
N PRO A 258 7.15 -2.98 11.42
CA PRO A 258 6.98 -3.55 10.08
C PRO A 258 7.46 -5.01 10.04
N LYS A 259 8.39 -5.34 10.92
CA LYS A 259 8.93 -6.70 11.01
C LYS A 259 7.92 -7.69 11.58
N ALA A 260 6.82 -7.18 12.12
CA ALA A 260 5.80 -8.05 12.70
C ALA A 260 4.71 -8.39 11.70
N LEU A 261 4.81 -7.82 10.50
CA LEU A 261 3.80 -8.03 9.47
C LEU A 261 3.81 -9.44 8.88
N ALA A 262 2.62 -9.96 8.63
CA ALA A 262 2.47 -11.27 8.00
C ALA A 262 2.60 -11.03 6.50
N LYS A 263 2.61 -12.09 5.70
CA LYS A 263 2.62 -11.91 4.26
C LYS A 263 1.29 -11.20 3.92
N GLN A 264 1.35 -10.26 2.98
CA GLN A 264 0.21 -9.43 2.55
C GLN A 264 -0.20 -8.39 3.61
N GLY A 265 0.58 -8.28 4.67
CA GLY A 265 0.25 -7.34 5.73
C GLY A 265 0.18 -5.88 5.30
N LYS A 266 -0.77 -5.15 5.87
CA LYS A 266 -0.92 -3.73 5.55
C LYS A 266 -0.51 -2.86 6.71
N TYR A 267 0.49 -2.02 6.47
CA TYR A 267 0.98 -1.10 7.49
C TYR A 267 0.36 0.27 7.20
N VAL A 268 -0.70 0.59 7.95
CA VAL A 268 -1.41 1.85 7.75
C VAL A 268 -0.71 2.94 8.56
N MET A 269 -0.20 3.96 7.86
CA MET A 269 0.57 5.02 8.48
C MET A 269 -0.25 6.29 8.73
N VAL A 270 -0.61 6.47 9.99
CA VAL A 270 -1.44 7.59 10.43
C VAL A 270 -0.66 8.62 11.25
N GLY A 271 0.16 8.15 12.18
CA GLY A 271 0.92 9.05 13.04
C GLY A 271 1.83 10.00 12.29
N LEU A 272 2.09 11.17 12.88
CA LEU A 272 2.91 12.17 12.23
C LEU A 272 4.11 12.64 13.04
N PHE A 273 4.70 11.74 13.83
CA PHE A 273 5.85 12.09 14.66
C PHE A 273 7.05 12.55 13.83
N GLY A 274 7.07 12.20 12.54
CA GLY A 274 8.12 12.70 11.66
C GLY A 274 9.34 11.92 11.22
N ALA A 275 9.31 10.59 11.29
CA ALA A 275 10.47 9.81 10.89
C ALA A 275 10.42 9.45 9.40
N ASP A 276 11.42 8.71 8.95
CA ASP A 276 11.43 8.27 7.56
C ASP A 276 11.22 6.76 7.50
N LEU A 277 10.38 6.32 6.57
CA LEU A 277 10.16 4.90 6.40
C LEU A 277 11.41 4.36 5.70
N HIS A 278 11.95 3.26 6.21
CA HIS A 278 13.15 2.66 5.63
C HIS A 278 13.02 1.15 5.76
N TYR A 279 12.90 0.48 4.62
CA TYR A 279 12.72 -0.97 4.61
C TYR A 279 13.30 -1.55 3.31
N HIS A 280 13.94 -2.70 3.42
CA HIS A 280 14.56 -3.35 2.26
C HIS A 280 13.47 -3.75 1.24
N ALA A 281 13.57 -3.16 0.04
CA ALA A 281 12.59 -3.36 -1.03
C ALA A 281 12.28 -4.82 -1.39
N PRO A 282 13.30 -5.67 -1.52
CA PRO A 282 13.03 -7.07 -1.86
C PRO A 282 12.13 -7.75 -0.83
N LEU A 283 12.22 -7.27 0.41
CA LEU A 283 11.44 -7.81 1.50
C LEU A 283 9.96 -7.42 1.35
N ILE A 284 9.74 -6.22 0.82
CA ILE A 284 8.38 -5.73 0.58
C ILE A 284 7.77 -6.58 -0.53
N THR A 285 8.52 -6.71 -1.63
CA THR A 285 8.08 -7.47 -2.79
C THR A 285 7.80 -8.94 -2.48
N LEU A 286 8.76 -9.62 -1.87
CA LEU A 286 8.60 -11.04 -1.56
C LEU A 286 7.49 -11.38 -0.56
N SER A 287 7.13 -10.44 0.30
CA SER A 287 6.08 -10.67 1.29
C SER A 287 4.77 -9.99 0.89
N GLU A 288 4.81 -9.22 -0.20
CA GLU A 288 3.65 -8.45 -0.67
C GLU A 288 3.08 -7.55 0.42
N ILE A 289 3.92 -6.99 1.27
CA ILE A 289 3.40 -6.10 2.30
C ILE A 289 3.17 -4.75 1.65
N GLN A 290 2.38 -3.91 2.32
CA GLN A 290 2.08 -2.58 1.82
C GLN A 290 2.25 -1.56 2.92
N PHE A 291 2.66 -0.37 2.54
CA PHE A 291 2.78 0.73 3.48
C PHE A 291 1.81 1.74 2.90
N VAL A 292 0.70 1.98 3.59
CA VAL A 292 -0.32 2.88 3.08
C VAL A 292 -0.62 4.07 3.99
N GLY A 293 -0.56 5.26 3.41
CA GLY A 293 -0.86 6.46 4.18
C GLY A 293 -2.35 6.67 4.27
N SER A 294 -2.81 7.17 5.41
CA SER A 294 -4.23 7.45 5.59
C SER A 294 -4.34 8.83 6.21
N LEU A 295 -5.15 9.69 5.62
CA LEU A 295 -5.33 11.06 6.09
C LEU A 295 -6.80 11.33 6.41
N VAL A 296 -7.06 11.72 7.65
CA VAL A 296 -8.40 12.02 8.13
C VAL A 296 -9.47 11.19 7.42
N GLY A 297 -10.43 11.82 6.76
CA GLY A 297 -11.44 11.05 6.07
C GLY A 297 -12.34 11.86 5.16
N ASN A 298 -13.08 11.18 4.30
CA ASN A 298 -13.99 11.85 3.37
C ASN A 298 -15.43 11.87 3.92
N GLN A 299 -16.34 12.46 3.16
CA GLN A 299 -17.75 12.55 3.57
C GLN A 299 -18.37 11.19 3.90
N SER A 300 -17.96 10.16 3.16
CA SER A 300 -18.46 8.82 3.39
C SER A 300 -17.99 8.28 4.74
N ASP A 301 -16.72 8.49 5.07
CA ASP A 301 -16.15 8.03 6.33
C ASP A 301 -16.81 8.75 7.50
N PHE A 302 -17.01 10.06 7.35
CA PHE A 302 -17.65 10.88 8.37
C PHE A 302 -19.01 10.28 8.70
N LEU A 303 -19.78 9.99 7.67
CA LEU A 303 -21.11 9.41 7.84
C LEU A 303 -20.97 8.10 8.62
N GLY A 304 -19.96 7.31 8.27
CA GLY A 304 -19.74 6.04 8.91
C GLY A 304 -19.42 6.11 10.39
N ILE A 305 -18.48 6.98 10.78
CA ILE A 305 -18.14 7.09 12.19
C ILE A 305 -19.26 7.74 13.00
N MET A 306 -19.93 8.73 12.43
CA MET A 306 -21.01 9.39 13.16
C MET A 306 -22.18 8.43 13.46
N ARG A 307 -22.54 7.58 12.48
CA ARG A 307 -23.64 6.64 12.69
C ARG A 307 -23.24 5.52 13.64
N LEU A 308 -21.97 5.12 13.59
CA LEU A 308 -21.47 4.08 14.48
C LEU A 308 -21.55 4.57 15.95
N ALA A 309 -21.17 5.82 16.17
CA ALA A 309 -21.18 6.43 17.51
C ALA A 309 -22.59 6.75 17.99
N GLU A 310 -23.43 7.24 17.07
CA GLU A 310 -24.81 7.54 17.43
C GLU A 310 -25.52 6.26 17.87
N ALA A 311 -25.11 5.13 17.31
CA ALA A 311 -25.70 3.84 17.67
C ALA A 311 -25.11 3.32 18.98
N GLY A 312 -24.15 4.07 19.53
CA GLY A 312 -23.51 3.66 20.77
C GLY A 312 -22.55 2.50 20.63
N LYS A 313 -22.12 2.21 19.40
CA LYS A 313 -21.19 1.10 19.17
C LYS A 313 -19.74 1.48 19.45
N VAL A 314 -19.46 2.78 19.45
CA VAL A 314 -18.13 3.29 19.80
C VAL A 314 -18.37 4.58 20.55
N LYS A 315 -17.41 4.98 21.38
CA LYS A 315 -17.55 6.20 22.16
C LYS A 315 -16.18 6.73 22.57
N PRO A 316 -15.86 7.96 22.16
CA PRO A 316 -14.55 8.51 22.52
C PRO A 316 -14.33 8.40 24.02
N MET A 317 -13.13 7.97 24.39
CA MET A 317 -12.79 7.87 25.79
C MET A 317 -12.25 9.22 26.23
N ILE A 318 -13.15 10.08 26.69
CA ILE A 318 -12.76 11.41 27.16
C ILE A 318 -12.28 11.28 28.59
N THR A 319 -10.99 11.53 28.80
CA THR A 319 -10.37 11.43 30.11
C THR A 319 -10.17 12.79 30.75
N LYS A 320 -10.43 13.85 29.99
CA LYS A 320 -10.23 15.17 30.54
C LYS A 320 -10.92 16.28 29.75
N THR A 321 -11.55 17.19 30.47
CA THR A 321 -12.19 18.34 29.87
C THR A 321 -11.69 19.54 30.64
N MET A 322 -11.47 20.63 29.94
CA MET A 322 -11.00 21.85 30.57
C MET A 322 -11.46 23.05 29.74
N LYS A 323 -11.23 24.24 30.27
CA LYS A 323 -11.64 25.48 29.63
C LYS A 323 -10.77 25.85 28.43
N LEU A 324 -11.35 26.59 27.50
CA LEU A 324 -10.63 27.05 26.32
C LEU A 324 -9.32 27.76 26.69
N GLU A 325 -9.34 28.55 27.76
CA GLU A 325 -8.17 29.28 28.21
C GLU A 325 -7.00 28.37 28.58
N GLU A 326 -7.27 27.07 28.69
CA GLU A 326 -6.26 26.09 29.08
C GLU A 326 -5.72 25.26 27.89
N ALA A 327 -5.98 25.74 26.67
CA ALA A 327 -5.53 25.07 25.45
C ALA A 327 -4.06 24.65 25.46
N ASN A 328 -3.18 25.56 25.86
CA ASN A 328 -1.75 25.25 25.89
C ASN A 328 -1.40 24.13 26.84
N GLU A 329 -2.05 24.10 28.01
CA GLU A 329 -1.78 23.02 28.98
C GLU A 329 -2.23 21.66 28.44
N ALA A 330 -3.36 21.65 27.74
CA ALA A 330 -3.89 20.42 27.17
C ALA A 330 -2.94 19.89 26.09
N ILE A 331 -2.33 20.80 25.33
CA ILE A 331 -1.39 20.44 24.29
C ILE A 331 -0.08 19.97 24.90
N ASP A 332 0.34 20.61 26.01
CA ASP A 332 1.56 20.19 26.70
C ASP A 332 1.40 18.75 27.19
N ASN A 333 0.17 18.38 27.55
CA ASN A 333 -0.09 17.04 28.05
C ASN A 333 0.17 15.99 26.98
N LEU A 334 -0.10 16.35 25.73
CA LEU A 334 0.13 15.44 24.63
C LEU A 334 1.59 15.46 24.24
N GLU A 335 2.19 16.64 24.21
CA GLU A 335 3.60 16.76 23.86
C GLU A 335 4.48 16.03 24.86
N ASN A 336 4.06 16.02 26.13
CA ASN A 336 4.81 15.33 27.18
C ASN A 336 4.29 13.93 27.44
N PHE A 337 3.32 13.50 26.64
CA PHE A 337 2.73 12.17 26.78
C PHE A 337 2.20 11.92 28.18
N LYS A 338 1.54 12.91 28.75
CA LYS A 338 0.96 12.78 30.08
C LYS A 338 -0.54 12.73 29.98
N ALA A 339 -1.04 12.14 28.90
CA ALA A 339 -2.47 12.01 28.70
C ALA A 339 -2.80 10.68 28.05
N ILE A 340 -4.03 10.23 28.26
CA ILE A 340 -4.52 9.00 27.65
C ILE A 340 -5.90 9.34 27.11
N GLY A 341 -6.40 8.50 26.21
CA GLY A 341 -7.70 8.77 25.63
C GLY A 341 -7.71 10.14 25.00
N ARG A 342 -8.81 10.88 25.15
CA ARG A 342 -8.96 12.18 24.53
C ARG A 342 -9.30 13.31 25.50
N GLN A 343 -8.76 14.50 25.25
CA GLN A 343 -9.06 15.66 26.08
C GLN A 343 -9.93 16.59 25.24
N VAL A 344 -10.91 17.23 25.88
CA VAL A 344 -11.81 18.12 25.17
C VAL A 344 -11.91 19.49 25.86
N LEU A 345 -11.91 20.55 25.07
CA LEU A 345 -12.06 21.91 25.58
C LEU A 345 -13.54 22.26 25.54
N ILE A 346 -14.04 22.85 26.61
CA ILE A 346 -15.44 23.23 26.69
C ILE A 346 -15.60 24.74 26.88
N PRO A 347 -15.29 25.53 25.84
CA PRO A 347 -15.40 26.99 25.90
C PRO A 347 -16.70 27.46 26.56
N MET B 1 18.59 -36.95 -18.90
CA MET B 1 18.27 -35.73 -19.70
C MET B 1 19.24 -34.60 -19.36
N ARG B 2 19.36 -33.65 -20.27
CA ARG B 2 20.24 -32.50 -20.07
C ARG B 2 19.50 -31.43 -19.27
N ALA B 3 20.24 -30.73 -18.41
CA ALA B 3 19.66 -29.69 -17.59
C ALA B 3 20.70 -28.63 -17.26
N VAL B 4 20.27 -27.38 -17.25
CA VAL B 4 21.14 -26.26 -16.90
C VAL B 4 20.76 -25.91 -15.48
N ARG B 5 21.68 -26.13 -14.55
CA ARG B 5 21.39 -25.94 -13.14
C ARG B 5 22.30 -24.97 -12.42
N LEU B 6 21.78 -24.41 -11.35
CA LEU B 6 22.54 -23.54 -10.47
C LEU B 6 23.22 -24.48 -9.49
N VAL B 7 24.51 -24.72 -9.69
CA VAL B 7 25.26 -25.62 -8.84
C VAL B 7 26.05 -24.86 -7.79
N GLU B 8 26.56 -23.69 -8.16
CA GLU B 8 27.34 -22.89 -7.23
C GLU B 8 27.09 -21.39 -7.41
N ILE B 9 26.87 -20.71 -6.29
CA ILE B 9 26.60 -19.28 -6.31
C ILE B 9 27.77 -18.47 -6.84
N GLY B 10 27.48 -17.57 -7.78
CA GLY B 10 28.52 -16.72 -8.34
C GLY B 10 29.28 -17.34 -9.50
N LYS B 11 28.88 -18.55 -9.89
CA LYS B 11 29.49 -19.26 -11.01
C LYS B 11 28.48 -19.43 -12.14
N PRO B 12 28.97 -19.72 -13.36
CA PRO B 12 28.06 -19.93 -14.49
C PRO B 12 27.18 -21.14 -14.21
N LEU B 13 25.94 -21.12 -14.72
CA LEU B 13 25.05 -22.25 -14.52
C LEU B 13 25.76 -23.47 -15.12
N SER B 14 25.44 -24.66 -14.65
CA SER B 14 26.11 -25.85 -15.14
C SER B 14 25.23 -26.81 -15.93
N LEU B 15 25.69 -27.20 -17.10
CA LEU B 15 24.96 -28.13 -17.95
C LEU B 15 25.24 -29.55 -17.46
N GLN B 16 24.24 -30.19 -16.85
CA GLN B 16 24.42 -31.54 -16.34
C GLN B 16 23.51 -32.56 -16.99
N GLU B 17 23.83 -33.84 -16.76
CA GLU B 17 23.05 -34.96 -17.26
C GLU B 17 22.43 -35.62 -16.04
N ILE B 18 21.11 -35.56 -15.92
CA ILE B 18 20.44 -36.14 -14.76
C ILE B 18 19.22 -37.00 -15.15
N GLY B 19 18.76 -37.80 -14.20
CA GLY B 19 17.63 -38.67 -14.45
C GLY B 19 16.32 -37.96 -14.67
N VAL B 20 15.46 -38.57 -15.49
CA VAL B 20 14.14 -38.03 -15.77
C VAL B 20 13.19 -38.52 -14.66
N PRO B 21 12.58 -37.58 -13.93
CA PRO B 21 11.66 -37.95 -12.85
C PRO B 21 10.40 -38.69 -13.33
N LYS B 22 9.83 -39.49 -12.44
CA LYS B 22 8.62 -40.25 -12.72
C LYS B 22 7.45 -39.57 -12.01
N PRO B 23 6.46 -39.09 -12.78
CA PRO B 23 5.30 -38.41 -12.18
C PRO B 23 4.36 -39.37 -11.44
N LYS B 24 4.01 -39.01 -10.22
CA LYS B 24 3.10 -39.80 -9.41
C LYS B 24 2.03 -38.92 -8.80
N GLY B 25 0.90 -39.52 -8.47
CA GLY B 25 -0.20 -38.76 -7.89
C GLY B 25 -0.74 -37.71 -8.84
N PRO B 26 -0.75 -36.43 -8.43
CA PRO B 26 -1.25 -35.36 -9.29
C PRO B 26 -0.16 -34.71 -10.13
N GLN B 27 1.05 -35.23 -10.07
CA GLN B 27 2.15 -34.65 -10.81
C GLN B 27 2.03 -34.90 -12.31
N VAL B 28 2.74 -34.10 -13.08
CA VAL B 28 2.71 -34.23 -14.52
C VAL B 28 4.10 -34.01 -15.06
N LEU B 29 4.53 -34.88 -15.98
CA LEU B 29 5.83 -34.75 -16.60
C LEU B 29 5.65 -34.05 -17.95
N ILE B 30 6.27 -32.89 -18.08
CA ILE B 30 6.16 -32.07 -19.26
C ILE B 30 7.45 -32.08 -20.09
N LYS B 31 7.30 -32.27 -21.40
CA LYS B 31 8.43 -32.18 -22.30
C LYS B 31 8.49 -30.68 -22.64
N VAL B 32 9.55 -30.01 -22.19
CA VAL B 32 9.70 -28.57 -22.40
C VAL B 32 9.85 -28.18 -23.86
N GLU B 33 8.99 -27.27 -24.31
CA GLU B 33 9.05 -26.78 -25.68
C GLU B 33 9.51 -25.32 -25.69
N ALA B 34 9.49 -24.68 -24.52
CA ALA B 34 9.94 -23.31 -24.39
C ALA B 34 10.18 -22.95 -22.92
N ALA B 35 11.27 -22.22 -22.69
CA ALA B 35 11.62 -21.80 -21.34
C ALA B 35 12.08 -20.34 -21.36
N GLY B 36 11.22 -19.46 -20.86
CA GLY B 36 11.57 -18.06 -20.83
C GLY B 36 12.72 -17.77 -19.89
N VAL B 37 13.50 -16.75 -20.21
CA VAL B 37 14.63 -16.37 -19.37
C VAL B 37 14.25 -15.07 -18.66
N CYS B 38 14.22 -15.11 -17.34
CA CYS B 38 13.84 -13.96 -16.55
C CYS B 38 15.04 -13.32 -15.86
N HIS B 39 14.98 -12.01 -15.65
CA HIS B 39 16.10 -11.32 -14.99
C HIS B 39 16.27 -11.85 -13.56
N SER B 40 15.28 -12.58 -13.06
CA SER B 40 15.38 -13.17 -11.72
C SER B 40 16.47 -14.22 -11.67
N ASP B 41 16.75 -14.84 -12.81
CA ASP B 41 17.79 -15.86 -12.88
C ASP B 41 19.18 -15.23 -12.79
N VAL B 42 19.25 -13.92 -12.99
CA VAL B 42 20.52 -13.20 -12.84
C VAL B 42 20.79 -13.12 -11.36
N HIS B 43 19.73 -12.90 -10.59
CA HIS B 43 19.83 -12.81 -9.12
C HIS B 43 20.08 -14.18 -8.53
N MET B 44 19.40 -15.20 -9.06
CA MET B 44 19.58 -16.57 -8.60
C MET B 44 21.04 -16.97 -8.77
N ARG B 45 21.60 -16.71 -9.95
CA ARG B 45 22.98 -17.06 -10.23
C ARG B 45 23.93 -16.30 -9.29
N GLN B 46 23.54 -15.10 -8.88
CA GLN B 46 24.34 -14.32 -7.94
C GLN B 46 24.08 -14.77 -6.50
N GLY B 47 23.05 -15.60 -6.32
CA GLY B 47 22.75 -16.13 -5.00
C GLY B 47 21.95 -15.25 -4.08
N ARG B 48 21.29 -14.22 -4.62
CA ARG B 48 20.52 -13.33 -3.77
C ARG B 48 19.66 -12.30 -4.48
N PHE B 49 18.68 -11.80 -3.73
CA PHE B 49 17.79 -10.73 -4.15
C PHE B 49 18.05 -9.68 -3.08
N GLY B 50 18.77 -8.62 -3.45
CA GLY B 50 19.11 -7.62 -2.47
C GLY B 50 20.04 -8.30 -1.50
N ASN B 51 19.76 -8.22 -0.20
CA ASN B 51 20.61 -8.90 0.77
C ASN B 51 19.91 -10.13 1.34
N LEU B 52 19.02 -10.70 0.54
CA LEU B 52 18.28 -11.90 0.92
C LEU B 52 18.88 -13.09 0.17
N ARG B 53 19.81 -13.78 0.84
CA ARG B 53 20.47 -14.93 0.25
C ARG B 53 19.48 -16.04 -0.01
N ILE B 54 19.46 -16.55 -1.23
CA ILE B 54 18.52 -17.60 -1.61
C ILE B 54 18.73 -18.88 -0.82
N VAL B 55 19.96 -19.11 -0.38
CA VAL B 55 20.25 -20.32 0.39
C VAL B 55 19.92 -20.14 1.87
N GLU B 56 20.66 -19.30 2.57
CA GLU B 56 20.44 -19.10 4.00
C GLU B 56 19.12 -18.41 4.38
N ASP B 57 18.68 -17.45 3.57
CA ASP B 57 17.46 -16.72 3.88
C ASP B 57 16.17 -17.25 3.26
N LEU B 58 16.24 -17.90 2.11
CA LEU B 58 15.04 -18.42 1.45
C LEU B 58 14.89 -19.93 1.46
N GLY B 59 15.94 -20.64 1.87
CA GLY B 59 15.87 -22.10 1.94
C GLY B 59 16.14 -22.85 0.64
N VAL B 60 16.69 -22.18 -0.36
CA VAL B 60 16.99 -22.84 -1.62
C VAL B 60 18.12 -23.84 -1.42
N LYS B 61 17.90 -25.08 -1.88
CA LYS B 61 18.89 -26.12 -1.77
C LYS B 61 19.53 -26.41 -3.12
N LEU B 62 20.84 -26.18 -3.22
CA LEU B 62 21.56 -26.43 -4.46
C LEU B 62 21.92 -27.91 -4.54
N PRO B 63 21.99 -28.47 -5.77
CA PRO B 63 21.78 -27.83 -7.06
C PRO B 63 20.29 -27.77 -7.43
N VAL B 64 19.94 -26.81 -8.27
CA VAL B 64 18.55 -26.68 -8.70
C VAL B 64 18.51 -26.21 -10.16
N THR B 65 17.66 -26.86 -10.94
CA THR B 65 17.48 -26.48 -12.33
C THR B 65 16.67 -25.20 -12.36
N LEU B 66 17.16 -24.19 -13.07
CA LEU B 66 16.47 -22.91 -13.18
C LEU B 66 15.41 -22.94 -14.27
N GLY B 67 14.70 -21.83 -14.45
CA GLY B 67 13.69 -21.76 -15.49
C GLY B 67 12.27 -21.84 -14.97
N HIS B 68 11.63 -20.69 -14.81
CA HIS B 68 10.27 -20.66 -14.31
C HIS B 68 9.21 -20.08 -15.25
N GLU B 69 9.58 -19.89 -16.52
CA GLU B 69 8.60 -19.47 -17.53
C GLU B 69 8.49 -20.75 -18.34
N ILE B 70 7.41 -21.48 -18.11
CA ILE B 70 7.23 -22.83 -18.64
C ILE B 70 6.06 -23.10 -19.57
N ALA B 71 6.38 -23.77 -20.68
CA ALA B 71 5.40 -24.18 -21.68
C ALA B 71 5.90 -25.49 -22.29
N GLY B 72 5.01 -26.46 -22.46
CA GLY B 72 5.44 -27.73 -23.01
C GLY B 72 4.37 -28.74 -23.34
N LYS B 73 4.83 -29.95 -23.64
CA LYS B 73 3.96 -31.04 -24.06
C LYS B 73 3.88 -32.09 -22.96
N ILE B 74 2.68 -32.57 -22.68
CA ILE B 74 2.50 -33.58 -21.66
C ILE B 74 3.10 -34.91 -22.09
N GLU B 75 4.08 -35.38 -21.33
CA GLU B 75 4.77 -36.63 -21.59
C GLU B 75 4.12 -37.75 -20.79
N GLU B 76 4.00 -37.55 -19.49
CA GLU B 76 3.38 -38.54 -18.60
C GLU B 76 2.70 -37.91 -17.41
N VAL B 77 1.61 -38.51 -16.96
CA VAL B 77 0.86 -38.00 -15.82
C VAL B 77 0.76 -39.04 -14.71
N GLY B 78 0.50 -38.56 -13.50
CA GLY B 78 0.36 -39.44 -12.35
C GLY B 78 -1.02 -40.07 -12.35
N ASP B 79 -1.27 -40.94 -11.39
CA ASP B 79 -2.55 -41.66 -11.27
C ASP B 79 -3.76 -40.79 -11.00
N GLU B 80 -3.54 -39.64 -10.37
CA GLU B 80 -4.64 -38.73 -10.01
C GLU B 80 -4.99 -37.70 -11.08
N VAL B 81 -4.08 -37.47 -12.02
CA VAL B 81 -4.31 -36.48 -13.06
C VAL B 81 -5.55 -36.78 -13.90
N VAL B 82 -6.39 -35.77 -14.07
CA VAL B 82 -7.62 -35.92 -14.84
C VAL B 82 -7.80 -34.78 -15.85
N GLY B 83 -8.00 -35.13 -17.11
CA GLY B 83 -8.24 -34.13 -18.13
C GLY B 83 -7.13 -33.82 -19.13
N TYR B 84 -6.14 -34.69 -19.24
CA TYR B 84 -5.05 -34.45 -20.18
C TYR B 84 -4.58 -35.71 -20.92
N SER B 85 -4.09 -35.52 -22.13
CA SER B 85 -3.58 -36.61 -22.95
C SER B 85 -2.15 -36.30 -23.37
N LYS B 86 -1.41 -37.34 -23.72
CA LYS B 86 -0.03 -37.19 -24.16
C LYS B 86 -0.01 -36.31 -25.40
N GLY B 87 0.88 -35.30 -25.40
CA GLY B 87 0.96 -34.42 -26.54
C GLY B 87 0.31 -33.07 -26.32
N ASP B 88 -0.65 -33.00 -25.40
CA ASP B 88 -1.32 -31.72 -25.13
C ASP B 88 -0.30 -30.64 -24.78
N LEU B 89 -0.42 -29.50 -25.43
CA LEU B 89 0.46 -28.37 -25.19
C LEU B 89 -0.13 -27.54 -24.05
N VAL B 90 0.68 -27.26 -23.04
CA VAL B 90 0.20 -26.49 -21.90
C VAL B 90 1.23 -25.47 -21.41
N ALA B 91 0.72 -24.47 -20.70
CA ALA B 91 1.57 -23.49 -20.07
C ALA B 91 1.48 -23.94 -18.61
N VAL B 92 2.54 -23.72 -17.84
CA VAL B 92 2.56 -24.14 -16.44
C VAL B 92 2.80 -23.00 -15.44
N ASN B 93 1.87 -22.84 -14.51
CA ASN B 93 2.01 -21.86 -13.44
C ASN B 93 2.96 -22.52 -12.45
N PRO B 94 4.20 -22.02 -12.33
CA PRO B 94 5.24 -22.54 -11.43
C PRO B 94 5.14 -22.13 -9.97
N TRP B 95 4.24 -21.22 -9.63
CA TRP B 95 4.11 -20.72 -8.26
C TRP B 95 3.05 -21.53 -7.53
N GLN B 96 3.43 -22.76 -7.17
CA GLN B 96 2.48 -23.69 -6.58
C GLN B 96 2.42 -23.80 -5.07
N GLY B 97 1.20 -23.96 -4.57
CA GLY B 97 0.98 -24.11 -3.14
C GLY B 97 0.43 -25.48 -2.84
N GLU B 98 0.58 -25.93 -1.60
CA GLU B 98 0.11 -27.26 -1.20
C GLU B 98 -1.40 -27.38 -0.99
N GLY B 99 -2.10 -26.24 -0.87
CA GLY B 99 -3.55 -26.25 -0.76
C GLY B 99 -4.26 -26.21 0.59
N ASN B 100 -3.53 -26.36 1.69
CA ASN B 100 -4.16 -26.40 3.01
C ASN B 100 -3.87 -25.21 3.95
N CYS B 101 -2.75 -24.52 3.72
CA CYS B 101 -2.39 -23.38 4.59
C CYS B 101 -3.35 -22.21 4.38
N TYR B 102 -3.27 -21.23 5.26
CA TYR B 102 -4.10 -20.03 5.21
C TYR B 102 -4.09 -19.37 3.84
N TYR B 103 -2.91 -19.13 3.29
CA TYR B 103 -2.81 -18.44 2.01
C TYR B 103 -3.38 -19.23 0.84
N CYS B 104 -3.25 -20.55 0.87
CA CYS B 104 -3.83 -21.37 -0.18
C CYS B 104 -5.35 -21.32 -0.08
N ARG B 105 -5.89 -21.31 1.15
CA ARG B 105 -7.33 -21.29 1.36
C ARG B 105 -8.03 -20.01 0.92
N ILE B 106 -7.33 -18.88 0.97
CA ILE B 106 -7.94 -17.64 0.53
C ILE B 106 -7.58 -17.28 -0.90
N GLY B 107 -7.14 -18.28 -1.66
CA GLY B 107 -6.79 -18.04 -3.06
C GLY B 107 -5.53 -17.26 -3.34
N GLU B 108 -4.51 -17.41 -2.51
CA GLU B 108 -3.23 -16.73 -2.71
C GLU B 108 -2.14 -17.81 -2.67
N GLU B 109 -2.32 -18.83 -3.51
CA GLU B 109 -1.41 -19.96 -3.51
C GLU B 109 0.08 -19.67 -3.68
N HIS B 110 0.42 -18.54 -4.30
CA HIS B 110 1.85 -18.22 -4.47
C HIS B 110 2.48 -17.82 -3.14
N LEU B 111 1.65 -17.48 -2.15
CA LEU B 111 2.13 -17.08 -0.83
C LEU B 111 1.98 -18.24 0.17
N CYS B 112 1.94 -19.44 -0.36
CA CYS B 112 1.83 -20.65 0.44
C CYS B 112 2.96 -20.73 1.47
N ASP B 113 2.67 -21.31 2.64
CA ASP B 113 3.67 -21.46 3.70
C ASP B 113 4.71 -22.51 3.33
N SER B 114 4.34 -23.43 2.43
CA SER B 114 5.25 -24.48 1.95
C SER B 114 5.23 -24.42 0.43
N PRO B 115 5.73 -23.32 -0.14
CA PRO B 115 5.76 -23.10 -1.59
C PRO B 115 6.61 -24.07 -2.41
N ARG B 116 6.09 -24.39 -3.59
CA ARG B 116 6.80 -25.24 -4.54
C ARG B 116 6.91 -24.38 -5.79
N TRP B 117 8.03 -23.67 -5.91
CA TRP B 117 8.26 -22.77 -7.03
C TRP B 117 9.23 -23.37 -8.03
N LEU B 118 8.69 -23.87 -9.13
CA LEU B 118 9.52 -24.47 -10.16
C LEU B 118 10.52 -23.43 -10.64
N GLY B 119 11.80 -23.80 -10.65
CA GLY B 119 12.84 -22.89 -11.09
C GLY B 119 13.46 -22.06 -9.98
N ILE B 120 12.91 -22.14 -8.77
CA ILE B 120 13.45 -21.38 -7.65
C ILE B 120 13.91 -22.32 -6.54
N ASN B 121 12.98 -23.07 -5.96
CA ASN B 121 13.34 -24.01 -4.90
C ASN B 121 13.02 -25.44 -5.32
N PHE B 122 12.55 -25.60 -6.55
CA PHE B 122 12.25 -26.89 -7.16
C PHE B 122 12.78 -26.82 -8.60
N ASP B 123 13.12 -27.96 -9.19
CA ASP B 123 13.65 -27.96 -10.56
C ASP B 123 12.73 -27.30 -11.59
N GLY B 124 13.33 -26.57 -12.51
CA GLY B 124 12.56 -25.85 -13.51
C GLY B 124 12.64 -26.32 -14.94
N ALA B 125 12.32 -25.41 -15.86
CA ALA B 125 12.26 -25.72 -17.30
C ALA B 125 13.54 -25.66 -18.12
N TYR B 126 14.67 -25.25 -17.53
CA TYR B 126 15.91 -25.25 -18.29
C TYR B 126 16.39 -26.69 -18.42
N ALA B 127 15.55 -27.54 -18.99
CA ALA B 127 15.87 -28.96 -19.18
C ALA B 127 14.95 -29.59 -20.24
N GLU B 128 15.21 -30.85 -20.56
CA GLU B 128 14.41 -31.57 -21.54
C GLU B 128 12.99 -31.77 -21.01
N TYR B 129 12.90 -32.17 -19.75
CA TYR B 129 11.62 -32.41 -19.09
C TYR B 129 11.58 -31.67 -17.75
N VAL B 130 10.37 -31.46 -17.24
CA VAL B 130 10.19 -30.81 -15.96
C VAL B 130 8.96 -31.39 -15.29
N ILE B 131 9.06 -31.61 -13.98
CA ILE B 131 7.96 -32.17 -13.20
C ILE B 131 7.05 -31.06 -12.68
N VAL B 132 5.74 -31.23 -12.90
CA VAL B 132 4.75 -30.28 -12.42
C VAL B 132 4.13 -30.91 -11.17
N PRO B 133 4.38 -30.32 -10.00
CA PRO B 133 3.86 -30.80 -8.72
C PRO B 133 2.37 -31.14 -8.72
N HIS B 134 1.55 -30.28 -9.32
CA HIS B 134 0.12 -30.53 -9.38
C HIS B 134 -0.49 -30.05 -10.69
N TYR B 135 -1.24 -30.93 -11.36
CA TYR B 135 -1.81 -30.64 -12.66
C TYR B 135 -2.80 -29.48 -12.73
N LYS B 136 -3.41 -29.12 -11.61
CA LYS B 136 -4.38 -28.04 -11.63
C LYS B 136 -3.74 -26.69 -11.95
N TYR B 137 -2.41 -26.65 -11.94
CA TYR B 137 -1.67 -25.42 -12.22
C TYR B 137 -1.28 -25.31 -13.69
N MET B 138 -1.93 -26.07 -14.54
CA MET B 138 -1.61 -26.03 -15.96
C MET B 138 -2.75 -25.42 -16.76
N TYR B 139 -2.42 -24.92 -17.95
CA TYR B 139 -3.41 -24.32 -18.83
C TYR B 139 -3.22 -24.87 -20.24
N LYS B 140 -4.27 -25.49 -20.79
CA LYS B 140 -4.20 -26.05 -22.13
C LYS B 140 -4.21 -24.97 -23.18
N LEU B 141 -3.16 -24.93 -24.00
CA LEU B 141 -3.07 -23.90 -25.02
C LEU B 141 -4.02 -24.22 -26.17
N ARG B 142 -4.71 -23.18 -26.64
CA ARG B 142 -5.67 -23.34 -27.72
C ARG B 142 -5.20 -22.61 -28.97
N ARG B 143 -4.64 -21.42 -28.81
CA ARG B 143 -4.17 -20.62 -29.94
C ARG B 143 -2.68 -20.29 -29.86
N LEU B 144 -2.17 -20.14 -28.65
CA LEU B 144 -0.76 -19.80 -28.47
C LEU B 144 0.15 -20.99 -28.72
N ASN B 145 1.34 -20.70 -29.25
CA ASN B 145 2.33 -21.75 -29.42
C ASN B 145 3.14 -21.68 -28.13
N ALA B 146 4.02 -22.65 -27.91
CA ALA B 146 4.81 -22.73 -26.69
C ALA B 146 5.72 -21.53 -26.43
N VAL B 147 6.37 -21.04 -27.47
CA VAL B 147 7.28 -19.91 -27.32
C VAL B 147 6.56 -18.65 -26.84
N GLU B 148 5.36 -18.41 -27.35
CA GLU B 148 4.57 -17.24 -26.98
C GLU B 148 4.01 -17.41 -25.58
N ALA B 149 3.72 -18.65 -25.22
CA ALA B 149 3.09 -18.95 -23.93
C ALA B 149 4.03 -18.90 -22.72
N ALA B 150 5.21 -19.48 -22.86
CA ALA B 150 6.15 -19.58 -21.75
C ALA B 150 6.32 -18.33 -20.89
N PRO B 151 6.58 -17.18 -21.51
CA PRO B 151 6.77 -15.93 -20.75
C PRO B 151 5.58 -15.53 -19.89
N LEU B 152 4.39 -16.00 -20.23
CA LEU B 152 3.19 -15.65 -19.49
C LEU B 152 3.17 -16.24 -18.07
N THR B 153 3.98 -17.28 -17.83
CA THR B 153 3.98 -17.92 -16.53
C THR B 153 4.83 -17.18 -15.50
N CYS B 154 5.39 -16.06 -15.90
CA CYS B 154 6.09 -15.22 -14.95
C CYS B 154 5.93 -13.75 -15.29
N SER B 155 6.52 -13.30 -16.38
CA SER B 155 6.41 -11.88 -16.75
C SER B 155 4.95 -11.48 -16.98
N GLY B 156 4.16 -12.39 -17.53
CA GLY B 156 2.76 -12.10 -17.78
C GLY B 156 1.92 -12.06 -16.51
N ILE B 157 1.92 -13.17 -15.76
CA ILE B 157 1.14 -13.26 -14.53
C ILE B 157 1.56 -12.24 -13.48
N THR B 158 2.86 -11.97 -13.39
CA THR B 158 3.37 -10.97 -12.44
C THR B 158 2.84 -9.58 -12.77
N THR B 159 2.97 -9.17 -14.02
CA THR B 159 2.55 -7.83 -14.39
C THR B 159 1.03 -7.70 -14.50
N TYR B 160 0.34 -8.82 -14.65
CA TYR B 160 -1.13 -8.81 -14.69
C TYR B 160 -1.58 -8.46 -13.27
N ARG B 161 -0.97 -9.12 -12.29
CA ARG B 161 -1.29 -8.90 -10.88
C ARG B 161 -0.91 -7.48 -10.47
N ALA B 162 0.25 -7.01 -10.95
CA ALA B 162 0.72 -5.66 -10.64
C ALA B 162 -0.18 -4.57 -11.24
N VAL B 163 -0.68 -4.80 -12.44
CA VAL B 163 -1.58 -3.83 -13.07
C VAL B 163 -2.93 -3.80 -12.35
N ARG B 164 -3.32 -4.94 -11.81
CA ARG B 164 -4.57 -5.01 -11.06
C ARG B 164 -4.42 -4.27 -9.73
N LYS B 165 -3.28 -4.46 -9.07
CA LYS B 165 -3.04 -3.79 -7.80
C LYS B 165 -2.88 -2.28 -7.95
N ALA B 166 -2.49 -1.84 -9.15
CA ALA B 166 -2.34 -0.40 -9.42
C ALA B 166 -3.70 0.31 -9.50
N SER B 167 -4.78 -0.46 -9.40
CA SER B 167 -6.15 0.09 -9.41
C SER B 167 -6.32 1.17 -10.47
N LEU B 168 -6.12 0.82 -11.73
CA LEU B 168 -6.21 1.78 -12.81
C LEU B 168 -7.63 1.92 -13.40
N ASP B 169 -7.90 3.08 -13.97
CA ASP B 169 -9.15 3.36 -14.66
C ASP B 169 -8.86 4.45 -15.70
N PRO B 170 -9.81 4.73 -16.61
CA PRO B 170 -9.63 5.73 -17.67
C PRO B 170 -9.20 7.13 -17.26
N THR B 171 -9.43 7.49 -16.00
CA THR B 171 -9.06 8.81 -15.53
C THR B 171 -7.63 8.83 -14.97
N LYS B 172 -6.99 7.68 -14.92
CA LYS B 172 -5.65 7.60 -14.34
C LYS B 172 -4.49 7.46 -15.32
N THR B 173 -3.29 7.75 -14.81
CA THR B 173 -2.07 7.61 -15.58
C THR B 173 -1.16 6.63 -14.85
N LEU B 174 -0.62 5.68 -15.62
CA LEU B 174 0.30 4.69 -15.10
C LEU B 174 1.71 4.98 -15.62
N LEU B 175 2.71 4.80 -14.76
CA LEU B 175 4.09 4.95 -15.17
C LEU B 175 4.76 3.58 -15.01
N VAL B 176 5.38 3.10 -16.07
CA VAL B 176 6.09 1.82 -16.02
C VAL B 176 7.59 2.10 -16.06
N VAL B 177 8.30 1.73 -14.99
CA VAL B 177 9.73 1.97 -14.90
C VAL B 177 10.51 0.74 -15.36
N GLY B 178 11.28 0.89 -16.44
CA GLY B 178 12.02 -0.22 -16.99
C GLY B 178 11.10 -0.89 -18.00
N ALA B 179 10.33 -0.04 -18.68
CA ALA B 179 9.31 -0.43 -19.64
C ALA B 179 9.76 -1.16 -20.90
N GLY B 180 11.06 -1.17 -21.16
CA GLY B 180 11.53 -1.82 -22.37
C GLY B 180 11.99 -3.26 -22.16
N GLY B 181 11.94 -3.71 -20.91
CA GLY B 181 12.40 -5.06 -20.58
C GLY B 181 11.34 -6.14 -20.73
N GLY B 182 11.63 -7.32 -20.17
CA GLY B 182 10.71 -8.43 -20.24
C GLY B 182 9.38 -8.17 -19.59
N LEU B 183 9.40 -7.72 -18.33
CA LEU B 183 8.17 -7.41 -17.63
C LEU B 183 7.62 -6.07 -18.08
N GLY B 184 8.53 -5.13 -18.34
CA GLY B 184 8.12 -3.81 -18.76
C GLY B 184 7.23 -3.81 -19.99
N THR B 185 7.64 -4.55 -21.02
CA THR B 185 6.87 -4.64 -22.25
C THR B 185 5.52 -5.32 -22.01
N MET B 186 5.48 -6.17 -21.00
CA MET B 186 4.27 -6.92 -20.67
C MET B 186 3.32 -6.04 -19.84
N ALA B 187 3.87 -5.29 -18.88
CA ALA B 187 3.05 -4.41 -18.06
C ALA B 187 2.37 -3.37 -18.94
N VAL B 188 3.13 -2.81 -19.87
CA VAL B 188 2.60 -1.81 -20.79
C VAL B 188 1.44 -2.38 -21.62
N GLN B 189 1.60 -3.60 -22.10
CA GLN B 189 0.59 -4.23 -22.95
C GLN B 189 -0.71 -4.51 -22.20
N ILE B 190 -0.60 -5.09 -21.03
CA ILE B 190 -1.76 -5.42 -20.22
C ILE B 190 -2.53 -4.16 -19.82
N ALA B 191 -1.79 -3.12 -19.44
CA ALA B 191 -2.40 -1.85 -19.04
C ALA B 191 -3.09 -1.23 -20.24
N LYS B 192 -2.57 -1.50 -21.43
CA LYS B 192 -3.13 -0.97 -22.66
C LYS B 192 -4.39 -1.77 -23.02
N ALA B 193 -4.34 -3.07 -22.79
CA ALA B 193 -5.43 -3.97 -23.14
C ALA B 193 -6.65 -3.94 -22.22
N VAL B 194 -6.47 -3.60 -20.95
CA VAL B 194 -7.61 -3.66 -20.04
C VAL B 194 -7.90 -2.55 -19.04
N SER B 195 -7.09 -1.50 -18.97
CA SER B 195 -7.40 -0.47 -17.98
C SER B 195 -8.01 0.82 -18.55
N GLY B 196 -7.70 1.12 -19.80
CA GLY B 196 -8.19 2.36 -20.38
C GLY B 196 -7.35 3.55 -19.90
N ALA B 197 -6.40 3.27 -19.00
CA ALA B 197 -5.53 4.31 -18.46
C ALA B 197 -4.49 4.82 -19.46
N THR B 198 -4.00 6.03 -19.24
CA THR B 198 -2.95 6.59 -20.08
C THR B 198 -1.64 5.99 -19.55
N ILE B 199 -0.75 5.61 -20.45
CA ILE B 199 0.48 4.94 -20.09
C ILE B 199 1.78 5.67 -20.42
N ILE B 200 2.67 5.76 -19.44
CA ILE B 200 3.98 6.38 -19.61
C ILE B 200 5.03 5.33 -19.31
N GLY B 201 5.92 5.08 -20.27
CA GLY B 201 6.96 4.11 -20.07
C GLY B 201 8.30 4.82 -20.00
N VAL B 202 9.13 4.44 -19.03
CA VAL B 202 10.45 5.06 -18.92
C VAL B 202 11.55 4.01 -18.87
N ASP B 203 12.64 4.26 -19.60
CA ASP B 203 13.80 3.37 -19.58
C ASP B 203 15.04 4.23 -19.81
N VAL B 204 16.20 3.60 -19.93
CA VAL B 204 17.45 4.36 -20.10
C VAL B 204 18.29 3.95 -21.29
N ARG B 205 17.69 3.17 -22.20
CA ARG B 205 18.38 2.73 -23.41
C ARG B 205 17.47 3.00 -24.60
N GLU B 206 18.05 3.53 -25.68
CA GLU B 206 17.29 3.85 -26.88
C GLU B 206 16.41 2.72 -27.40
N GLU B 207 16.94 1.50 -27.41
CA GLU B 207 16.19 0.35 -27.89
C GLU B 207 15.08 -0.03 -26.92
N ALA B 208 15.34 0.15 -25.63
CA ALA B 208 14.36 -0.18 -24.62
C ALA B 208 13.18 0.78 -24.72
N VAL B 209 13.47 2.06 -24.85
CA VAL B 209 12.43 3.07 -25.00
C VAL B 209 11.59 2.78 -26.23
N GLU B 210 12.25 2.36 -27.30
CA GLU B 210 11.57 2.01 -28.54
C GLU B 210 10.68 0.79 -28.33
N ALA B 211 11.19 -0.20 -27.59
CA ALA B 211 10.40 -1.40 -27.31
C ALA B 211 9.13 -1.01 -26.56
N ALA B 212 9.28 -0.14 -25.57
CA ALA B 212 8.15 0.31 -24.77
C ALA B 212 7.15 1.04 -25.66
N LYS B 213 7.65 1.76 -26.66
CA LYS B 213 6.76 2.46 -27.58
C LYS B 213 5.97 1.42 -28.37
N ARG B 214 6.67 0.36 -28.79
CA ARG B 214 6.05 -0.71 -29.57
C ARG B 214 5.05 -1.51 -28.72
N ALA B 215 5.27 -1.57 -27.42
CA ALA B 215 4.38 -2.30 -26.53
C ALA B 215 3.05 -1.58 -26.37
N GLY B 216 3.01 -0.31 -26.76
CA GLY B 216 1.77 0.44 -26.68
C GLY B 216 1.74 1.66 -25.77
N ALA B 217 2.90 2.04 -25.24
CA ALA B 217 2.97 3.19 -24.35
C ALA B 217 2.59 4.49 -25.06
N ASP B 218 1.77 5.31 -24.40
CA ASP B 218 1.34 6.58 -24.99
C ASP B 218 2.47 7.60 -24.98
N TYR B 219 3.34 7.49 -23.98
CA TYR B 219 4.48 8.39 -23.84
C TYR B 219 5.64 7.55 -23.34
N VAL B 220 6.82 7.83 -23.86
CA VAL B 220 8.02 7.12 -23.44
C VAL B 220 9.07 8.16 -23.11
N ILE B 221 9.91 7.86 -22.13
CA ILE B 221 10.94 8.77 -21.69
C ILE B 221 12.27 8.03 -21.56
N ASN B 222 13.33 8.64 -22.04
CA ASN B 222 14.65 8.03 -21.88
C ASN B 222 15.29 8.82 -20.76
N ALA B 223 15.31 8.24 -19.56
CA ALA B 223 15.84 8.90 -18.38
C ALA B 223 17.33 9.24 -18.50
N SER B 224 17.97 8.74 -19.56
CA SER B 224 19.38 9.05 -19.80
C SER B 224 19.49 10.35 -20.58
N MET B 225 18.51 10.64 -21.42
CA MET B 225 18.53 11.85 -22.24
C MET B 225 17.83 13.05 -21.61
N GLN B 226 16.91 12.81 -20.67
CA GLN B 226 16.20 13.93 -20.03
C GLN B 226 15.69 13.66 -18.62
N ASP B 227 15.31 14.73 -17.94
CA ASP B 227 14.78 14.66 -16.58
C ASP B 227 13.38 14.04 -16.65
N PRO B 228 13.23 12.81 -16.16
CA PRO B 228 11.93 12.12 -16.19
C PRO B 228 10.85 12.79 -15.34
N LEU B 229 11.25 13.45 -14.26
CA LEU B 229 10.28 14.12 -13.39
C LEU B 229 9.70 15.34 -14.08
N ALA B 230 10.54 16.11 -14.75
CA ALA B 230 10.06 17.29 -15.45
C ALA B 230 9.08 16.86 -16.54
N GLU B 231 9.41 15.79 -17.26
CA GLU B 231 8.56 15.28 -18.33
C GLU B 231 7.23 14.72 -17.82
N ILE B 232 7.29 13.96 -16.74
CA ILE B 232 6.08 13.38 -16.14
C ILE B 232 5.20 14.51 -15.60
N ARG B 233 5.84 15.54 -15.08
CA ARG B 233 5.12 16.69 -14.54
C ARG B 233 4.36 17.35 -15.69
N ARG B 234 5.02 17.45 -16.84
CA ARG B 234 4.42 18.06 -18.02
C ARG B 234 3.26 17.24 -18.58
N ILE B 235 3.46 15.93 -18.72
CA ILE B 235 2.45 15.04 -19.26
C ILE B 235 1.18 15.00 -18.41
N THR B 236 1.36 14.93 -17.10
CA THR B 236 0.22 14.85 -16.18
C THR B 236 -0.25 16.22 -15.71
N GLU B 237 0.32 17.27 -16.30
CA GLU B 237 -0.04 18.64 -15.96
C GLU B 237 0.11 18.92 -14.47
N SER B 238 1.23 18.46 -13.90
CA SER B 238 1.55 18.66 -12.50
C SER B 238 0.73 17.83 -11.52
N LYS B 239 -0.12 16.94 -12.01
CA LYS B 239 -0.89 16.09 -11.11
C LYS B 239 -0.05 14.94 -10.60
N GLY B 240 0.87 14.47 -11.44
CA GLY B 240 1.71 13.32 -11.08
C GLY B 240 0.99 12.07 -11.55
N VAL B 241 1.59 10.90 -11.37
CA VAL B 241 0.93 9.67 -11.81
C VAL B 241 0.17 8.96 -10.69
N ASP B 242 -0.95 8.34 -11.05
CA ASP B 242 -1.80 7.65 -10.09
C ASP B 242 -1.24 6.29 -9.72
N ALA B 243 -0.29 5.82 -10.52
CA ALA B 243 0.32 4.52 -10.26
C ALA B 243 1.66 4.38 -10.93
N VAL B 244 2.55 3.67 -10.26
CA VAL B 244 3.86 3.37 -10.82
C VAL B 244 4.08 1.88 -10.64
N ILE B 245 4.56 1.22 -11.67
CA ILE B 245 4.93 -0.19 -11.57
C ILE B 245 6.44 -0.16 -11.80
N ASP B 246 7.21 -0.32 -10.74
CA ASP B 246 8.67 -0.27 -10.83
C ASP B 246 9.23 -1.67 -11.00
N LEU B 247 9.79 -1.94 -12.17
CA LEU B 247 10.37 -3.24 -12.46
C LEU B 247 11.88 -3.24 -12.21
N ASN B 248 12.33 -2.36 -11.31
CA ASN B 248 13.74 -2.27 -10.93
C ASN B 248 13.90 -2.25 -9.41
N ASN B 249 13.35 -1.21 -8.78
CA ASN B 249 13.43 -1.01 -7.34
C ASN B 249 14.89 -0.92 -6.90
N SER B 250 15.66 -0.15 -7.66
CA SER B 250 17.07 0.09 -7.40
C SER B 250 17.12 1.45 -6.71
N GLU B 251 18.30 1.81 -6.20
CA GLU B 251 18.44 3.10 -5.55
C GLU B 251 18.19 4.20 -6.58
N LYS B 252 18.47 3.90 -7.85
CA LYS B 252 18.26 4.86 -8.91
C LYS B 252 16.77 5.12 -9.20
N THR B 253 15.95 4.08 -9.12
CA THR B 253 14.52 4.30 -9.39
C THR B 253 13.77 4.76 -8.14
N LEU B 254 14.07 4.15 -7.00
CA LEU B 254 13.40 4.48 -5.74
C LEU B 254 13.69 5.88 -5.21
N SER B 255 14.79 6.48 -5.65
CA SER B 255 15.14 7.81 -5.18
C SER B 255 14.62 8.87 -6.14
N VAL B 256 13.83 8.44 -7.12
CA VAL B 256 13.30 9.35 -8.12
C VAL B 256 11.78 9.28 -8.35
N TYR B 257 11.30 8.14 -8.83
CA TYR B 257 9.88 8.03 -9.18
C TYR B 257 8.82 8.19 -8.10
N PRO B 258 9.12 7.85 -6.83
CA PRO B 258 8.06 8.05 -5.83
C PRO B 258 7.60 9.51 -5.78
N LYS B 259 8.50 10.41 -6.13
CA LYS B 259 8.23 11.86 -6.14
C LYS B 259 7.25 12.24 -7.25
N ALA B 260 7.03 11.34 -8.20
CA ALA B 260 6.14 11.63 -9.32
C ALA B 260 4.70 11.23 -9.04
N LEU B 261 4.48 10.60 -7.89
CA LEU B 261 3.14 10.12 -7.53
C LEU B 261 2.15 11.21 -7.18
N ALA B 262 0.91 11.05 -7.65
CA ALA B 262 -0.15 12.00 -7.33
C ALA B 262 -0.70 11.60 -5.97
N LYS B 263 -1.61 12.39 -5.42
CA LYS B 263 -2.24 12.00 -4.17
C LYS B 263 -2.96 10.67 -4.42
N GLN B 264 -2.89 9.77 -3.44
CA GLN B 264 -3.45 8.41 -3.52
C GLN B 264 -2.69 7.50 -4.49
N GLY B 265 -1.56 7.97 -4.99
CA GLY B 265 -0.78 7.17 -5.92
C GLY B 265 -0.28 5.85 -5.35
N LYS B 266 -0.27 4.82 -6.18
CA LYS B 266 0.19 3.50 -5.75
C LYS B 266 1.49 3.13 -6.45
N TYR B 267 2.52 2.89 -5.66
CA TYR B 267 3.83 2.52 -6.16
C TYR B 267 3.97 0.99 -6.02
N VAL B 268 3.68 0.28 -7.10
CA VAL B 268 3.73 -1.18 -7.10
C VAL B 268 5.18 -1.61 -7.28
N MET B 269 5.73 -2.31 -6.28
CA MET B 269 7.13 -2.71 -6.30
C MET B 269 7.35 -4.15 -6.71
N VAL B 270 7.79 -4.31 -7.95
CA VAL B 270 8.01 -5.63 -8.55
C VAL B 270 9.49 -5.97 -8.74
N GLY B 271 10.27 -5.01 -9.23
CA GLY B 271 11.67 -5.25 -9.48
C GLY B 271 12.44 -5.72 -8.26
N LEU B 272 13.51 -6.49 -8.47
CA LEU B 272 14.30 -7.00 -7.35
C LEU B 272 15.79 -6.64 -7.39
N PHE B 273 16.12 -5.48 -7.96
CA PHE B 273 17.52 -5.05 -8.05
C PHE B 273 18.21 -4.95 -6.68
N GLY B 274 17.43 -4.80 -5.61
CA GLY B 274 18.00 -4.83 -4.28
C GLY B 274 18.25 -3.58 -3.42
N ALA B 275 17.58 -2.48 -3.69
CA ALA B 275 17.80 -1.27 -2.88
C ALA B 275 16.87 -1.21 -1.68
N ASP B 276 17.00 -0.14 -0.91
CA ASP B 276 16.15 0.07 0.25
C ASP B 276 15.18 1.21 -0.03
N LEU B 277 13.91 1.00 0.29
CA LEU B 277 12.92 2.06 0.10
C LEU B 277 13.16 3.06 1.22
N HIS B 278 13.20 4.35 0.89
CA HIS B 278 13.42 5.38 1.88
C HIS B 278 12.57 6.59 1.51
N TYR B 279 11.57 6.90 2.34
CA TYR B 279 10.67 8.01 2.06
C TYR B 279 10.13 8.61 3.35
N HIS B 280 10.02 9.95 3.38
CA HIS B 280 9.56 10.65 4.58
C HIS B 280 8.13 10.24 4.92
N ALA B 281 7.93 9.65 6.09
CA ALA B 281 6.62 9.15 6.50
C ALA B 281 5.48 10.18 6.46
N PRO B 282 5.70 11.41 6.98
CA PRO B 282 4.62 12.39 6.93
C PRO B 282 4.14 12.66 5.50
N LEU B 283 5.05 12.53 4.54
CA LEU B 283 4.71 12.74 3.14
C LEU B 283 3.82 11.61 2.63
N ILE B 284 4.06 10.40 3.14
CA ILE B 284 3.25 9.25 2.74
C ILE B 284 1.84 9.46 3.28
N THR B 285 1.75 9.82 4.55
CA THR B 285 0.47 10.03 5.21
C THR B 285 -0.35 11.17 4.59
N LEU B 286 0.25 12.35 4.46
CA LEU B 286 -0.48 13.49 3.93
C LEU B 286 -0.93 13.36 2.47
N SER B 287 -0.26 12.54 1.68
CA SER B 287 -0.68 12.38 0.30
C SER B 287 -1.34 11.02 0.07
N GLU B 288 -1.50 10.25 1.14
CA GLU B 288 -2.10 8.91 1.10
C GLU B 288 -1.52 8.00 0.01
N ILE B 289 -0.21 8.09 -0.22
CA ILE B 289 0.37 7.22 -1.22
C ILE B 289 0.59 5.85 -0.58
N GLN B 290 0.83 4.85 -1.42
CA GLN B 290 1.06 3.50 -0.94
C GLN B 290 2.23 2.88 -1.68
N PHE B 291 2.97 2.04 -0.96
CA PHE B 291 4.08 1.31 -1.54
C PHE B 291 3.63 -0.12 -1.36
N VAL B 292 3.27 -0.79 -2.46
CA VAL B 292 2.77 -2.15 -2.34
C VAL B 292 3.62 -3.17 -3.11
N GLY B 293 4.02 -4.23 -2.41
CA GLY B 293 4.79 -5.26 -3.07
C GLY B 293 3.88 -6.20 -3.83
N SER B 294 4.35 -6.70 -4.96
CA SER B 294 3.59 -7.64 -5.74
C SER B 294 4.53 -8.76 -6.15
N LEU B 295 4.10 -10.00 -5.91
CA LEU B 295 4.91 -11.18 -6.19
C LEU B 295 4.17 -12.12 -7.14
N VAL B 296 4.81 -12.43 -8.27
CA VAL B 296 4.23 -13.30 -9.29
C VAL B 296 2.70 -13.22 -9.29
N GLY B 297 2.01 -14.33 -9.11
CA GLY B 297 0.56 -14.29 -9.11
C GLY B 297 -0.08 -15.58 -8.65
N ASN B 298 -1.39 -15.53 -8.40
CA ASN B 298 -2.14 -16.69 -7.94
C ASN B 298 -2.87 -17.39 -9.10
N GLN B 299 -3.64 -18.43 -8.80
CA GLN B 299 -4.36 -19.18 -9.84
C GLN B 299 -5.34 -18.31 -10.62
N SER B 300 -5.93 -17.34 -9.94
CA SER B 300 -6.86 -16.41 -10.57
C SER B 300 -6.13 -15.52 -11.58
N ASP B 301 -4.97 -15.01 -11.20
CA ASP B 301 -4.16 -14.14 -12.06
C ASP B 301 -3.71 -14.91 -13.31
N PHE B 302 -3.24 -16.14 -13.09
CA PHE B 302 -2.79 -17.03 -14.16
C PHE B 302 -3.90 -17.15 -15.20
N LEU B 303 -5.08 -17.52 -14.72
CA LEU B 303 -6.26 -17.65 -15.58
C LEU B 303 -6.45 -16.37 -16.37
N GLY B 304 -6.34 -15.23 -15.69
CA GLY B 304 -6.52 -13.94 -16.33
C GLY B 304 -5.53 -13.62 -17.44
N ILE B 305 -4.24 -13.84 -17.20
CA ILE B 305 -3.25 -13.54 -18.23
C ILE B 305 -3.31 -14.54 -19.38
N MET B 306 -3.57 -15.82 -19.06
CA MET B 306 -3.65 -16.82 -20.13
C MET B 306 -4.80 -16.55 -21.09
N ARG B 307 -5.96 -16.18 -20.56
CA ARG B 307 -7.13 -15.92 -21.40
C ARG B 307 -6.96 -14.63 -22.21
N LEU B 308 -6.28 -13.65 -21.63
CA LEU B 308 -6.04 -12.38 -22.30
C LEU B 308 -5.14 -12.61 -23.52
N ALA B 309 -4.11 -13.45 -23.35
CA ALA B 309 -3.17 -13.76 -24.44
C ALA B 309 -3.76 -14.69 -25.48
N GLU B 310 -4.56 -15.67 -25.04
CA GLU B 310 -5.21 -16.59 -25.97
C GLU B 310 -6.16 -15.81 -26.87
N ALA B 311 -6.72 -14.72 -26.36
CA ALA B 311 -7.62 -13.89 -27.14
C ALA B 311 -6.85 -12.95 -28.05
N GLY B 312 -5.53 -13.01 -27.95
CA GLY B 312 -4.66 -12.16 -28.78
C GLY B 312 -4.64 -10.70 -28.35
N LYS B 313 -5.06 -10.42 -27.13
CA LYS B 313 -5.09 -9.04 -26.63
C LYS B 313 -3.74 -8.56 -26.10
N VAL B 314 -2.87 -9.51 -25.74
CA VAL B 314 -1.50 -9.20 -25.34
C VAL B 314 -0.64 -10.33 -25.92
N LYS B 315 0.63 -10.04 -26.14
CA LYS B 315 1.52 -11.05 -26.70
C LYS B 315 2.96 -10.72 -26.32
N PRO B 316 3.64 -11.65 -25.62
CA PRO B 316 5.02 -11.39 -25.22
C PRO B 316 5.85 -10.95 -26.40
N MET B 317 6.67 -9.93 -26.21
CA MET B 317 7.53 -9.46 -27.27
C MET B 317 8.82 -10.26 -27.20
N ILE B 318 8.86 -11.39 -27.88
CA ILE B 318 10.05 -12.23 -27.91
C ILE B 318 11.01 -11.66 -28.94
N THR B 319 12.15 -11.17 -28.46
CA THR B 319 13.14 -10.58 -29.33
C THR B 319 14.30 -11.53 -29.58
N LYS B 320 14.31 -12.66 -28.90
CA LYS B 320 15.37 -13.63 -29.10
C LYS B 320 15.06 -15.03 -28.60
N THR B 321 15.41 -16.02 -29.40
CA THR B 321 15.28 -17.41 -28.99
C THR B 321 16.63 -18.06 -29.26
N MET B 322 17.01 -18.99 -28.40
CA MET B 322 18.29 -19.65 -28.54
C MET B 322 18.19 -21.03 -27.88
N LYS B 323 19.23 -21.84 -28.05
CA LYS B 323 19.27 -23.19 -27.49
C LYS B 323 19.48 -23.21 -25.97
N LEU B 324 19.02 -24.28 -25.33
CA LEU B 324 19.18 -24.45 -23.90
C LEU B 324 20.65 -24.35 -23.47
N GLU B 325 21.56 -24.84 -24.31
CA GLU B 325 22.98 -24.80 -23.98
C GLU B 325 23.51 -23.36 -23.89
N GLU B 326 22.71 -22.40 -24.32
CA GLU B 326 23.10 -21.00 -24.32
C GLU B 326 22.48 -20.20 -23.15
N ALA B 327 21.97 -20.91 -22.15
CA ALA B 327 21.33 -20.28 -20.99
C ALA B 327 22.15 -19.18 -20.33
N ASN B 328 23.44 -19.44 -20.10
CA ASN B 328 24.31 -18.44 -19.48
C ASN B 328 24.43 -17.17 -20.31
N GLU B 329 24.54 -17.31 -21.63
CA GLU B 329 24.64 -16.14 -22.50
C GLU B 329 23.36 -15.31 -22.46
N ALA B 330 22.21 -15.97 -22.37
CA ALA B 330 20.94 -15.26 -22.33
C ALA B 330 20.81 -14.49 -21.00
N ILE B 331 21.35 -15.07 -19.93
CA ILE B 331 21.32 -14.43 -18.62
C ILE B 331 22.31 -13.27 -18.61
N ASP B 332 23.46 -13.44 -19.25
CA ASP B 332 24.45 -12.37 -19.33
C ASP B 332 23.84 -11.16 -20.01
N ASN B 333 22.97 -11.40 -21.00
CA ASN B 333 22.36 -10.29 -21.73
C ASN B 333 21.47 -9.45 -20.83
N LEU B 334 20.87 -10.09 -19.83
CA LEU B 334 20.00 -9.37 -18.92
C LEU B 334 20.84 -8.69 -17.86
N GLU B 335 21.88 -9.39 -17.40
CA GLU B 335 22.77 -8.84 -16.40
C GLU B 335 23.47 -7.60 -16.94
N ASN B 336 23.82 -7.63 -18.22
CA ASN B 336 24.50 -6.51 -18.86
C ASN B 336 23.54 -5.54 -19.54
N PHE B 337 22.24 -5.80 -19.39
CA PHE B 337 21.21 -4.96 -19.99
C PHE B 337 21.39 -4.80 -21.49
N LYS B 338 21.71 -5.89 -22.17
CA LYS B 338 21.87 -5.87 -23.61
C LYS B 338 20.73 -6.64 -24.26
N ALA B 339 19.55 -6.51 -23.66
CA ALA B 339 18.37 -7.19 -24.16
C ALA B 339 17.13 -6.33 -23.98
N ILE B 340 16.13 -6.57 -24.81
CA ILE B 340 14.86 -5.89 -24.71
C ILE B 340 13.79 -6.95 -24.87
N GLY B 341 12.57 -6.64 -24.45
CA GLY B 341 11.51 -7.62 -24.55
C GLY B 341 11.91 -8.87 -23.79
N ARG B 342 11.61 -10.03 -24.36
CA ARG B 342 11.88 -11.31 -23.70
C ARG B 342 12.67 -12.29 -24.55
N GLN B 343 13.55 -13.04 -23.92
CA GLN B 343 14.33 -14.07 -24.59
C GLN B 343 13.75 -15.42 -24.15
N VAL B 344 13.72 -16.39 -25.06
CA VAL B 344 13.17 -17.69 -24.76
C VAL B 344 14.10 -18.81 -25.23
N LEU B 345 14.31 -19.80 -24.38
CA LEU B 345 15.15 -20.95 -24.71
C LEU B 345 14.25 -22.01 -25.34
N ILE B 346 14.75 -22.63 -26.41
CA ILE B 346 13.98 -23.66 -27.10
C ILE B 346 14.73 -25.00 -27.13
N PRO B 347 14.86 -25.65 -25.97
CA PRO B 347 15.56 -26.94 -25.86
C PRO B 347 15.22 -27.88 -27.03
ZN ZN C . -6.46 15.73 14.56
ZN ZN D . -11.68 19.78 -4.53
PA NAD E . -1.78 10.98 21.69
O1A NAD E . -3.14 11.00 22.26
O2A NAD E . -0.71 11.82 22.31
O5B NAD E . -1.36 9.46 21.64
C5B NAD E . -0.04 8.99 21.18
C4B NAD E . 0.22 7.70 21.90
O4B NAD E . 1.55 7.23 21.43
C3B NAD E . 0.37 7.80 23.47
O3B NAD E . -0.63 6.96 24.13
C2B NAD E . 1.80 7.38 23.77
O2B NAD E . 2.08 6.79 24.99
C1B NAD E . 2.10 6.51 22.52
N9A NAD E . 3.53 6.35 22.29
C8A NAD E . 4.62 7.21 22.41
N7A NAD E . 5.78 6.64 22.10
C5A NAD E . 5.51 5.37 21.75
C6A NAD E . 6.35 4.24 21.30
N6A NAD E . 7.67 4.33 21.18
N1A NAD E . 5.67 3.06 21.04
C2A NAD E . 4.34 2.90 21.16
N3A NAD E . 3.49 3.94 21.57
C4A NAD E . 4.12 5.16 21.85
O3 NAD E . -1.85 11.40 20.17
PN NAD E . -3.02 11.31 19.05
O1N NAD E . -3.89 12.48 19.15
O2N NAD E . -3.61 9.94 19.20
O5D NAD E . -2.13 11.51 17.71
C5D NAD E . -1.12 10.51 17.31
C4D NAD E . -0.49 10.92 16.02
O4D NAD E . -1.54 10.90 14.98
C3D NAD E . 0.07 12.40 15.98
O3D NAD E . 1.37 12.44 15.34
C2D NAD E . -0.97 13.17 15.15
O2D NAD E . -0.49 14.35 14.55
C1D NAD E . -1.43 12.06 14.13
N1N NAD E . -2.78 12.25 13.53
C2N NAD E . -2.91 11.92 12.14
C3N NAD E . -4.07 12.03 11.48
C7N NAD E . -4.19 11.67 10.02
O7N NAD E . -5.14 12.12 9.37
N7N NAD E . -3.26 10.87 9.46
C4N NAD E . -5.36 12.54 12.17
C5N NAD E . -5.17 12.88 13.64
C6N NAD E . -3.90 12.72 14.28
C2 ETX F . -3.74 16.73 11.01
O2 ETX F . -3.36 16.55 9.64
C3 ETX F . -2.09 17.11 9.30
C4 ETX F . -2.30 18.36 8.48
O1 ETX F . -5.37 15.96 12.60
C1 ETX F . -5.09 16.14 11.23
ZN ZN G . 10.64 -14.43 -13.44
ZN ZN H . -0.35 -23.47 1.09
PA NAD I . 14.97 -7.04 -17.91
O1A NAD I . 14.30 -7.70 -19.06
O2A NAD I . 16.46 -7.09 -17.77
O5B NAD I . 14.46 -5.54 -17.93
C5B NAD I . 14.91 -4.54 -16.97
C4B NAD I . 14.77 -3.21 -17.65
O4B NAD I . 15.23 -2.19 -16.68
C3B NAD I . 15.68 -2.99 -18.92
O3B NAD I . 14.84 -2.72 -20.10
C2B NAD I . 16.61 -1.86 -18.55
O2B NAD I . 17.09 -1.04 -19.57
C1B NAD I . 15.75 -1.16 -17.47
N9A NAD I . 16.57 -0.32 -16.60
C8A NAD I . 17.84 -0.46 -16.05
N7A NAD I . 18.22 0.58 -15.31
C5A NAD I . 17.21 1.46 -15.34
C6A NAD I . 17.03 2.79 -14.73
N6A NAD I . 17.95 3.36 -13.98
N1A NAD I . 15.81 3.39 -15.02
C2A NAD I . 14.84 2.86 -15.78
N3A NAD I . 14.96 1.61 -16.38
C4A NAD I . 16.17 0.95 -16.14
O3 NAD I . 14.39 -7.63 -16.56
PN NAD I . 12.95 -8.31 -16.18
O1N NAD I . 12.97 -9.74 -16.53
O2N NAD I . 11.92 -7.44 -16.80
O5D NAD I . 12.99 -8.22 -14.56
C5D NAD I . 13.00 -6.92 -13.88
C4D NAD I . 13.06 -7.13 -12.41
O4D NAD I . 11.82 -7.80 -11.97
C3D NAD I . 14.22 -8.08 -11.90
O3D NAD I . 14.85 -7.53 -10.73
C2D NAD I . 13.49 -9.39 -11.56
O2D NAD I . 14.17 -10.19 -10.65
C1D NAD I . 12.11 -8.87 -11.06
N1N NAD I . 10.96 -9.81 -11.15
C2N NAD I . 10.03 -9.81 -10.06
C3N NAD I . 8.95 -10.59 -10.04
C7N NAD I . 8.00 -10.56 -8.86
O7N NAD I . 7.23 -11.53 -8.70
N7N NAD I . 7.98 -9.50 -8.04
C4N NAD I . 8.63 -11.57 -11.18
C5N NAD I . 9.64 -11.54 -12.33
C6N NAD I . 10.76 -10.67 -12.28
C2 ETX J . 11.49 -14.61 -8.89
O2 ETX J . 11.05 -14.46 -7.53
C3 ETX J . 12.11 -14.39 -6.57
C4 ETX J . 12.16 -15.67 -5.76
O1 ETX J . 10.69 -14.26 -11.13
C1 ETX J . 10.31 -14.61 -9.81
#